data_9LBF
#
_entry.id   9LBF
#
_cell.length_a   167.325
_cell.length_b   167.325
_cell.length_c   212.863
_cell.angle_alpha   90.000
_cell.angle_beta   90.000
_cell.angle_gamma   120.000
#
_symmetry.space_group_name_H-M   'H 3 2'
#
loop_
_entity.id
_entity.type
_entity.pdbx_description
1 polymer 'Serine/threonine-protein kinase PAK 2'
2 non-polymer 'SULFATE ION'
3 water water
#
_entity_poly.entity_id   1
_entity_poly.type   'polypeptide(L)'
_entity_poly.pdbx_seq_one_letter_code
;MGSSHHHHHHSSGLVPRGSHMASKERPEISPPSDFEHTIHVGFDAVTGEFTGMPEQWARLLQTSNITKLEQKKNPQAVLD
VLKFYDSNTVKQKYLSFTPPEKDGFPSGTPALNAKGTEAPAVVTEEEDDDEETAPPVIAPRPDHTKSIYTRSVIDPVPAP
VGDSHVDGAAKSLDKQKKKTKMTDEEIMEKLRTIVSIGDPKKKYTRYEKIGQGASGTVFTATDVALGQEVAIKQINLQKQ
PKKELIINEILVMKELKNPNIVNFLDSYLVGDELFVVMEYLAGGSLTDVVTETCMDEAQIAAVCRECLQALEFLHANQVI
HRNIKSDNVLLGMEGSVKLTDFGFCAQITPEQSKRSTMVGTPYWMAPEVVTRKAYGPKVDIWSLGIMAIEMVEGEPPYLN
ENPLRALYLIATNGTPELQNPEKLSPIFRDFLNRCLEMDVEKRGSAKELLQHPFLKLAKPLSSLTPLIMAAKEAMKSNR
;
_entity_poly.pdbx_strand_id   A,B
#
loop_
_chem_comp.id
_chem_comp.type
_chem_comp.name
_chem_comp.formula
SO4 non-polymer 'SULFATE ION' 'O4 S -2'
#
# COMPACT_ATOMS: atom_id res chain seq x y z
N VAL A 41 52.42 16.50 4.64
CA VAL A 41 52.84 17.05 5.97
C VAL A 41 52.74 18.59 5.94
N GLY A 42 53.53 19.25 5.08
CA GLY A 42 53.54 20.72 5.02
C GLY A 42 52.78 21.29 3.81
N PHE A 43 52.73 22.63 3.73
CA PHE A 43 52.11 23.35 2.61
C PHE A 43 52.90 24.64 2.30
N ASP A 44 53.18 24.88 1.02
CA ASP A 44 53.86 26.10 0.58
C ASP A 44 52.81 27.07 0.02
N ALA A 45 52.67 28.23 0.67
CA ALA A 45 51.50 29.10 0.53
C ALA A 45 51.40 29.77 -0.85
N VAL A 46 52.54 30.08 -1.49
CA VAL A 46 52.50 30.83 -2.74
C VAL A 46 52.36 29.88 -3.94
N THR A 47 53.10 28.75 -3.94
CA THR A 47 52.98 27.74 -5.00
C THR A 47 51.62 27.04 -4.92
N GLY A 48 51.14 26.79 -3.69
CA GLY A 48 49.91 26.04 -3.46
C GLY A 48 50.12 24.53 -3.51
N GLU A 49 51.31 24.06 -3.13
CA GLU A 49 51.64 22.64 -3.14
C GLU A 49 51.70 22.12 -1.69
N PHE A 50 51.05 20.99 -1.45
CA PHE A 50 51.31 20.23 -0.24
C PHE A 50 52.61 19.44 -0.42
N THR A 51 53.41 19.36 0.67
CA THR A 51 54.66 18.63 0.65
C THR A 51 54.48 17.23 1.29
N GLY A 52 55.03 16.21 0.63
CA GLY A 52 55.20 14.89 1.22
C GLY A 52 53.89 14.12 1.41
N MET A 53 52.88 14.41 0.57
CA MET A 53 51.60 13.71 0.66
C MET A 53 51.75 12.26 0.21
N PRO A 54 51.06 11.31 0.87
CA PRO A 54 51.01 9.93 0.38
C PRO A 54 50.50 9.83 -1.06
N GLU A 55 50.86 8.71 -1.72
CA GLU A 55 50.38 8.35 -3.06
C GLU A 55 48.87 8.60 -3.21
N GLN A 56 48.06 7.99 -2.34
CA GLN A 56 46.61 8.02 -2.47
C GLN A 56 46.06 9.45 -2.36
N TRP A 57 46.62 10.27 -1.46
CA TRP A 57 46.02 11.57 -1.14
C TRP A 57 46.32 12.61 -2.23
N ALA A 58 47.51 12.54 -2.82
CA ALA A 58 47.83 13.32 -4.02
C ALA A 58 46.88 12.94 -5.15
N ARG A 59 46.62 11.63 -5.29
CA ARG A 59 45.74 11.09 -6.31
C ARG A 59 44.30 11.59 -6.11
N LEU A 60 43.77 11.49 -4.87
CA LEU A 60 42.42 11.90 -4.55
C LEU A 60 42.23 13.40 -4.78
N LEU A 61 43.20 14.20 -4.32
CA LEU A 61 43.08 15.66 -4.35
C LEU A 61 42.85 16.15 -5.78
N GLN A 62 43.48 15.52 -6.79
CA GLN A 62 43.33 15.92 -8.18
C GLN A 62 41.91 15.69 -8.69
N THR A 63 41.22 14.66 -8.15
CA THR A 63 39.84 14.35 -8.52
C THR A 63 38.83 15.12 -7.67
N SER A 64 39.28 15.87 -6.64
CA SER A 64 38.43 16.43 -5.61
C SER A 64 37.55 17.61 -6.04
N ASN A 65 37.91 18.31 -7.11
CA ASN A 65 37.34 19.60 -7.49
C ASN A 65 37.40 20.66 -6.38
N ILE A 66 38.33 20.50 -5.41
CA ILE A 66 38.74 21.57 -4.49
C ILE A 66 39.75 22.46 -5.22
N THR A 67 39.57 23.80 -5.11
CA THR A 67 40.40 24.81 -5.76
C THR A 67 41.73 24.99 -5.04
N LYS A 68 42.74 25.50 -5.77
CA LYS A 68 44.03 25.87 -5.20
C LYS A 68 43.86 26.95 -4.13
N LEU A 69 42.99 27.94 -4.39
CA LEU A 69 42.60 28.96 -3.42
C LEU A 69 41.96 28.34 -2.18
N GLU A 70 41.09 27.33 -2.35
CA GLU A 70 40.40 26.66 -1.25
C GLU A 70 41.39 25.87 -0.40
N GLN A 71 42.37 25.21 -1.06
CA GLN A 71 43.49 24.54 -0.41
C GLN A 71 44.29 25.58 0.40
N LYS A 72 44.48 26.78 -0.17
CA LYS A 72 45.22 27.86 0.47
C LYS A 72 44.51 28.30 1.75
N LYS A 73 43.22 28.65 1.67
CA LYS A 73 42.48 29.23 2.79
C LYS A 73 42.27 28.23 3.94
N ASN A 74 42.20 26.92 3.64
CA ASN A 74 41.99 25.89 4.66
C ASN A 74 42.83 24.64 4.38
N PRO A 75 44.17 24.69 4.51
CA PRO A 75 45.03 23.55 4.15
C PRO A 75 44.79 22.34 5.05
N GLN A 76 44.53 22.60 6.35
CA GLN A 76 44.33 21.53 7.32
C GLN A 76 43.05 20.75 6.97
N ALA A 77 41.97 21.48 6.63
CA ALA A 77 40.70 20.86 6.33
C ALA A 77 40.84 19.89 5.15
N VAL A 78 41.55 20.30 4.11
CA VAL A 78 41.74 19.46 2.94
C VAL A 78 42.40 18.15 3.33
N LEU A 79 43.46 18.18 4.16
CA LEU A 79 44.15 16.97 4.59
C LEU A 79 43.21 16.06 5.39
N ASP A 80 42.35 16.68 6.23
CA ASP A 80 41.40 15.99 7.09
C ASP A 80 40.40 15.19 6.25
N VAL A 81 39.83 15.82 5.20
CA VAL A 81 38.81 15.20 4.37
C VAL A 81 39.41 14.16 3.43
N LEU A 82 40.66 14.36 2.97
CA LEU A 82 41.37 13.37 2.17
C LEU A 82 41.63 12.10 2.98
N LYS A 83 42.04 12.28 4.25
CA LYS A 83 42.27 11.15 5.13
C LYS A 83 40.95 10.41 5.38
N PHE A 84 39.90 11.18 5.68
CA PHE A 84 38.59 10.64 5.99
C PHE A 84 38.07 9.80 4.83
N TYR A 85 38.17 10.33 3.59
CA TYR A 85 37.63 9.68 2.41
C TYR A 85 38.42 8.42 2.07
N ASP A 86 39.74 8.46 2.31
CA ASP A 86 40.61 7.30 2.11
C ASP A 86 40.28 6.17 3.11
N SER A 87 39.89 6.50 4.34
CA SER A 87 39.57 5.47 5.33
C SER A 87 38.43 4.56 4.83
N ASN A 88 37.19 5.06 4.75
CA ASN A 88 36.08 4.40 4.06
C ASN A 88 35.85 2.97 4.55
N THR A 89 35.82 2.78 5.88
CA THR A 89 35.47 1.49 6.46
C THR A 89 33.95 1.45 6.66
N VAL A 90 33.32 0.29 6.41
CA VAL A 90 31.89 0.10 6.62
C VAL A 90 31.56 0.30 8.10
N LYS A 91 32.50 -0.11 8.98
CA LYS A 91 32.53 0.25 10.40
C LYS A 91 31.20 -0.09 11.10
N GLN A 92 30.82 -1.38 11.02
CA GLN A 92 29.57 -1.88 11.60
C GLN A 92 29.59 -1.79 13.13
N LYS A 93 28.53 -1.17 13.72
CA LYS A 93 28.36 -1.11 15.17
C LYS A 93 27.42 -2.20 15.68
N TYR A 94 27.67 -2.67 16.91
CA TYR A 94 26.86 -3.66 17.62
C TYR A 94 26.67 -3.20 19.06
N LEU A 95 25.43 -3.13 19.54
CA LEU A 95 25.13 -2.83 20.95
C LEU A 95 25.64 -3.99 21.79
N SER A 96 26.30 -3.69 22.93
CA SER A 96 26.80 -4.73 23.83
C SER A 96 26.44 -4.44 25.29
N PHE A 97 26.24 -5.50 26.10
CA PHE A 97 25.93 -5.45 27.53
C PHE A 97 24.44 -5.17 27.78
N THR A 98 23.67 -6.24 28.08
CA THR A 98 22.23 -6.17 28.35
C THR A 98 21.94 -5.42 29.67
N PRO A 99 22.76 -5.57 30.76
CA PRO A 99 22.54 -4.87 32.04
C PRO A 99 22.82 -3.38 31.87
N PRO A 100 22.77 -2.52 32.93
CA PRO A 100 22.78 -1.07 32.73
C PRO A 100 23.93 -0.55 31.86
N GLU A 101 25.17 -1.00 32.12
CA GLU A 101 26.28 -0.64 31.26
C GLU A 101 25.94 -1.10 29.85
N LYS A 102 26.25 -0.27 28.83
CA LYS A 102 25.98 -0.60 27.44
C LYS A 102 26.96 0.15 26.52
N LYS A 181 34.89 -19.97 16.31
CA LYS A 181 35.38 -20.56 17.59
C LYS A 181 34.27 -20.45 18.65
N MET A 182 33.03 -20.76 18.25
CA MET A 182 31.88 -20.80 19.12
C MET A 182 31.06 -22.05 18.78
N THR A 183 30.68 -22.81 19.80
CA THR A 183 30.14 -24.15 19.61
C THR A 183 28.62 -24.07 19.50
N ASP A 184 28.03 -25.12 18.94
CA ASP A 184 26.60 -25.21 18.75
C ASP A 184 25.89 -25.09 20.07
N GLU A 185 26.50 -25.66 21.11
CA GLU A 185 25.92 -25.65 22.45
C GLU A 185 25.98 -24.23 23.05
N GLU A 186 27.08 -23.50 22.80
CA GLU A 186 27.19 -22.13 23.27
C GLU A 186 26.18 -21.22 22.55
N ILE A 187 25.96 -21.43 21.24
CA ILE A 187 24.91 -20.74 20.50
C ILE A 187 23.55 -21.07 21.10
N MET A 188 23.26 -22.35 21.36
CA MET A 188 21.95 -22.72 21.87
C MET A 188 21.73 -22.20 23.29
N GLU A 189 22.83 -21.96 24.03
CA GLU A 189 22.82 -21.34 25.35
C GLU A 189 22.37 -19.88 25.21
N LYS A 190 23.12 -19.14 24.39
CA LYS A 190 22.83 -17.73 24.13
C LYS A 190 21.39 -17.55 23.63
N LEU A 191 20.86 -18.48 22.80
CA LEU A 191 19.56 -18.33 22.15
C LEU A 191 18.41 -18.76 23.06
N ARG A 192 18.69 -19.15 24.30
CA ARG A 192 17.69 -19.67 25.22
C ARG A 192 16.51 -18.71 25.42
N THR A 193 16.80 -17.43 25.64
CA THR A 193 15.78 -16.45 26.01
C THR A 193 15.24 -15.72 24.78
N ILE A 194 15.85 -15.88 23.58
CA ILE A 194 15.44 -15.13 22.41
C ILE A 194 14.60 -15.96 21.42
N VAL A 195 14.79 -17.28 21.30
CA VAL A 195 14.17 -18.03 20.20
C VAL A 195 12.79 -18.54 20.60
N SER A 196 11.79 -18.23 19.77
CA SER A 196 10.46 -18.80 19.87
C SER A 196 10.35 -20.07 19.01
N ILE A 197 9.55 -21.02 19.48
CA ILE A 197 9.22 -22.21 18.74
C ILE A 197 7.97 -21.91 17.88
N GLY A 198 8.22 -21.59 16.60
CA GLY A 198 7.14 -21.22 15.69
C GLY A 198 7.67 -21.26 14.26
N ASP A 199 6.75 -21.32 13.29
CA ASP A 199 7.16 -21.31 11.89
C ASP A 199 7.00 -19.89 11.35
N PRO A 200 8.09 -19.16 11.02
CA PRO A 200 7.96 -17.81 10.47
C PRO A 200 7.26 -17.72 9.11
N LYS A 201 7.18 -18.86 8.38
CA LYS A 201 6.43 -18.94 7.13
C LYS A 201 4.93 -19.09 7.35
N LYS A 202 4.46 -19.34 8.58
CA LYS A 202 3.03 -19.42 8.84
C LYS A 202 2.55 -18.22 9.66
N LYS A 203 3.44 -17.62 10.48
CA LYS A 203 3.04 -16.52 11.34
C LYS A 203 3.01 -15.20 10.56
N TYR A 204 3.81 -15.06 9.49
CA TYR A 204 3.87 -13.84 8.70
C TYR A 204 3.59 -14.17 7.22
N THR A 205 2.89 -13.27 6.49
CA THR A 205 2.66 -13.33 5.05
C THR A 205 3.06 -11.98 4.43
N ARG A 206 2.74 -11.80 3.12
CA ARG A 206 3.17 -10.69 2.30
C ARG A 206 4.68 -10.46 2.39
N TYR A 207 5.46 -11.52 2.34
CA TYR A 207 6.92 -11.37 2.34
C TYR A 207 7.37 -10.60 1.11
N GLU A 208 8.19 -9.54 1.31
CA GLU A 208 8.91 -8.91 0.23
C GLU A 208 10.35 -8.73 0.64
N LYS A 209 11.30 -9.16 -0.20
CA LYS A 209 12.71 -8.92 0.01
C LYS A 209 13.04 -7.45 -0.27
N ILE A 210 13.53 -6.72 0.75
CA ILE A 210 13.91 -5.33 0.58
C ILE A 210 15.43 -5.09 0.64
N GLY A 211 16.25 -6.10 1.04
CA GLY A 211 17.69 -5.92 1.04
C GLY A 211 18.46 -7.23 1.18
N GLN A 212 19.75 -7.19 0.80
CA GLN A 212 20.70 -8.27 0.98
C GLN A 212 22.10 -7.68 1.12
N GLY A 213 22.95 -8.31 1.93
CA GLY A 213 24.34 -7.90 2.04
C GLY A 213 25.04 -8.56 3.22
N ALA A 214 25.99 -7.82 3.82
CA ALA A 214 26.80 -8.30 4.94
C ALA A 214 26.02 -8.28 6.26
N SER A 215 24.87 -7.59 6.28
CA SER A 215 24.04 -7.46 7.48
C SER A 215 22.93 -8.52 7.53
N GLY A 216 23.03 -9.59 6.71
CA GLY A 216 21.93 -10.50 6.46
C GLY A 216 21.05 -10.07 5.28
N THR A 217 20.13 -10.96 4.88
CA THR A 217 19.02 -10.64 4.00
C THR A 217 17.88 -10.03 4.83
N VAL A 218 17.13 -9.06 4.26
CA VAL A 218 16.07 -8.36 4.98
C VAL A 218 14.76 -8.40 4.20
N PHE A 219 13.67 -8.62 4.94
CA PHE A 219 12.33 -8.70 4.37
C PHE A 219 11.37 -7.80 5.13
N THR A 220 10.36 -7.24 4.46
CA THR A 220 9.15 -6.86 5.17
C THR A 220 8.14 -7.99 5.06
N ALA A 221 7.20 -8.00 6.02
CA ALA A 221 6.16 -9.00 6.08
C ALA A 221 5.07 -8.49 7.01
N THR A 222 3.96 -9.20 7.09
CA THR A 222 2.82 -8.80 7.87
C THR A 222 2.53 -9.97 8.81
N ASP A 223 2.37 -9.67 10.09
CA ASP A 223 1.95 -10.65 11.07
C ASP A 223 0.49 -10.95 10.79
N VAL A 224 0.16 -12.24 10.56
CA VAL A 224 -1.18 -12.68 10.16
C VAL A 224 -2.21 -12.36 11.25
N ALA A 225 -1.86 -12.64 12.51
CA ALA A 225 -2.76 -12.52 13.65
C ALA A 225 -3.05 -11.05 14.02
N LEU A 226 -2.02 -10.20 14.03
CA LEU A 226 -2.15 -8.82 14.48
C LEU A 226 -2.47 -7.88 13.31
N GLY A 227 -2.08 -8.26 12.08
CA GLY A 227 -2.30 -7.40 10.92
C GLY A 227 -1.20 -6.34 10.73
N GLN A 228 -0.22 -6.31 11.64
CA GLN A 228 0.85 -5.32 11.69
C GLN A 228 2.04 -5.72 10.83
N GLU A 229 2.63 -4.74 10.16
CA GLU A 229 3.82 -4.96 9.35
C GLU A 229 5.05 -5.11 10.27
N VAL A 230 6.00 -5.94 9.82
CA VAL A 230 7.21 -6.22 10.56
C VAL A 230 8.35 -6.23 9.56
N ALA A 231 9.57 -6.11 10.05
CA ALA A 231 10.75 -6.37 9.24
C ALA A 231 11.48 -7.60 9.78
N ILE A 232 11.96 -8.47 8.88
CA ILE A 232 12.55 -9.74 9.28
C ILE A 232 13.96 -9.76 8.71
N LYS A 233 14.92 -9.87 9.61
CA LYS A 233 16.29 -9.97 9.19
C LYS A 233 16.74 -11.42 9.38
N GLN A 234 17.45 -11.91 8.39
CA GLN A 234 17.80 -13.30 8.31
C GLN A 234 19.32 -13.41 8.32
N ILE A 235 19.86 -13.99 9.40
CA ILE A 235 21.28 -14.14 9.62
C ILE A 235 21.67 -15.62 9.50
N ASN A 236 22.66 -15.92 8.65
CA ASN A 236 23.22 -17.26 8.59
C ASN A 236 24.24 -17.42 9.71
N LEU A 237 23.89 -18.13 10.78
CA LEU A 237 24.75 -18.31 11.95
C LEU A 237 26.06 -19.01 11.58
N GLN A 238 26.03 -19.95 10.64
CA GLN A 238 27.24 -20.67 10.26
C GLN A 238 28.22 -19.80 9.46
N LYS A 239 27.72 -19.00 8.51
CA LYS A 239 28.58 -18.18 7.66
C LYS A 239 28.96 -16.83 8.31
N GLN A 240 28.07 -16.26 9.12
CA GLN A 240 28.20 -14.88 9.61
C GLN A 240 29.35 -14.79 10.62
N PRO A 241 30.30 -13.83 10.42
CA PRO A 241 31.33 -13.56 11.43
C PRO A 241 30.76 -12.75 12.60
N LYS A 242 31.32 -12.97 13.79
CA LYS A 242 30.96 -12.25 15.01
C LYS A 242 29.54 -12.64 15.44
N LYS A 243 29.27 -13.95 15.52
CA LYS A 243 27.97 -14.46 15.93
C LYS A 243 27.60 -13.90 17.30
N GLU A 244 28.62 -13.86 18.17
CA GLU A 244 28.44 -13.51 19.57
C GLU A 244 27.96 -12.07 19.70
N LEU A 245 28.44 -11.18 18.82
CA LEU A 245 28.05 -9.78 18.89
C LEU A 245 26.58 -9.60 18.53
N ILE A 246 26.15 -10.31 17.48
CA ILE A 246 24.80 -10.20 16.98
C ILE A 246 23.83 -10.70 18.04
N ILE A 247 24.16 -11.84 18.67
CA ILE A 247 23.25 -12.44 19.66
C ILE A 247 23.23 -11.53 20.89
N ASN A 248 24.40 -10.99 21.24
CA ASN A 248 24.50 -10.06 22.36
C ASN A 248 23.65 -8.81 22.10
N GLU A 249 23.68 -8.29 20.85
CA GLU A 249 22.82 -7.17 20.50
C GLU A 249 21.34 -7.51 20.68
N ILE A 250 20.88 -8.69 20.21
CA ILE A 250 19.48 -9.07 20.41
C ILE A 250 19.13 -9.06 21.91
N LEU A 251 20.06 -9.55 22.73
CA LEU A 251 19.83 -9.61 24.16
C LEU A 251 19.72 -8.20 24.73
N VAL A 252 20.47 -7.25 24.16
CA VAL A 252 20.34 -5.85 24.56
C VAL A 252 18.95 -5.36 24.13
N MET A 253 18.61 -5.58 22.84
CA MET A 253 17.39 -5.11 22.22
C MET A 253 16.13 -5.57 22.95
N LYS A 254 16.18 -6.71 23.65
CA LYS A 254 15.04 -7.16 24.42
C LYS A 254 14.72 -6.25 25.61
N GLU A 255 15.75 -5.58 26.15
CA GLU A 255 15.57 -4.70 27.32
C GLU A 255 15.65 -3.22 26.93
N LEU A 256 16.30 -2.91 25.79
CA LEU A 256 16.37 -1.57 25.22
C LEU A 256 15.12 -1.19 24.43
N LYS A 257 14.00 -0.90 25.13
CA LYS A 257 12.70 -0.65 24.52
C LYS A 257 12.28 0.83 24.54
N ASN A 258 11.85 1.37 23.40
CA ASN A 258 11.33 2.74 23.30
C ASN A 258 10.38 2.88 22.12
N PRO A 259 9.26 3.59 22.26
CA PRO A 259 8.31 3.71 21.14
C PRO A 259 8.77 4.46 19.89
N ASN A 260 9.85 5.26 20.00
CA ASN A 260 10.37 5.98 18.83
C ASN A 260 11.54 5.27 18.19
N ILE A 261 11.80 4.03 18.56
CA ILE A 261 12.71 3.19 17.78
C ILE A 261 11.93 1.97 17.30
N VAL A 262 12.49 1.27 16.30
CA VAL A 262 12.01 -0.07 15.98
C VAL A 262 12.56 -1.05 17.03
N ASN A 263 11.64 -1.73 17.71
CA ASN A 263 11.95 -2.67 18.77
C ASN A 263 12.02 -4.11 18.25
N PHE A 264 12.80 -4.94 18.97
CA PHE A 264 12.84 -6.38 18.79
C PHE A 264 11.51 -6.99 19.20
N LEU A 265 10.92 -7.80 18.33
CA LEU A 265 9.65 -8.46 18.59
C LEU A 265 9.87 -9.95 18.90
N ASP A 266 10.62 -10.66 18.05
CA ASP A 266 10.66 -12.10 18.08
C ASP A 266 11.85 -12.63 17.32
N SER A 267 12.20 -13.89 17.60
CA SER A 267 13.22 -14.57 16.82
C SER A 267 12.86 -16.05 16.64
N TYR A 268 13.37 -16.64 15.56
CA TYR A 268 13.14 -18.03 15.17
C TYR A 268 14.45 -18.60 14.65
N LEU A 269 14.73 -19.86 14.99
CA LEU A 269 15.86 -20.63 14.48
C LEU A 269 15.32 -21.54 13.37
N VAL A 270 15.84 -21.36 12.14
CA VAL A 270 15.46 -22.17 11.01
C VAL A 270 16.72 -22.77 10.42
N GLY A 271 17.20 -23.85 11.05
CA GLY A 271 18.38 -24.53 10.56
C GLY A 271 19.62 -23.84 11.10
N ASP A 272 20.38 -23.22 10.20
CA ASP A 272 21.52 -22.38 10.58
C ASP A 272 21.15 -20.91 10.37
N GLU A 273 19.87 -20.62 10.18
CA GLU A 273 19.42 -19.30 9.81
C GLU A 273 18.60 -18.74 10.96
N LEU A 274 19.03 -17.60 11.52
CA LEU A 274 18.30 -16.98 12.60
C LEU A 274 17.48 -15.84 12.02
N PHE A 275 16.19 -15.88 12.27
CA PHE A 275 15.26 -14.88 11.83
C PHE A 275 15.06 -13.94 13.01
N VAL A 276 15.40 -12.65 12.81
CA VAL A 276 15.18 -11.63 13.82
C VAL A 276 14.04 -10.74 13.32
N VAL A 277 12.99 -10.63 14.11
CA VAL A 277 11.83 -9.86 13.71
C VAL A 277 11.80 -8.55 14.51
N MET A 278 11.74 -7.44 13.76
CA MET A 278 11.74 -6.09 14.29
C MET A 278 10.39 -5.45 13.97
N GLU A 279 10.00 -4.42 14.72
CA GLU A 279 8.85 -3.61 14.35
C GLU A 279 9.07 -2.90 13.01
N TYR A 280 7.97 -2.57 12.33
CA TYR A 280 8.02 -1.79 11.09
C TYR A 280 6.72 -0.98 10.96
N LEU A 281 6.68 -0.02 10.03
CA LEU A 281 5.52 0.84 9.83
C LEU A 281 5.20 0.92 8.34
N ALA A 282 3.90 1.06 7.99
CA ALA A 282 3.47 1.03 6.61
C ALA A 282 3.35 2.40 5.94
N GLY A 283 3.75 3.47 6.61
CA GLY A 283 3.61 4.83 6.08
C GLY A 283 4.79 5.22 5.21
N GLY A 284 5.82 4.39 5.07
CA GLY A 284 6.98 4.75 4.27
C GLY A 284 8.05 5.47 5.09
N SER A 285 9.06 5.99 4.38
CA SER A 285 10.10 6.81 5.01
C SER A 285 9.70 8.29 4.98
N LEU A 286 10.37 9.10 5.84
CA LEU A 286 10.22 10.55 5.85
C LEU A 286 10.71 11.14 4.53
N THR A 287 11.71 10.49 3.90
CA THR A 287 12.18 10.90 2.57
C THR A 287 11.02 10.96 1.56
N ASP A 288 10.13 9.95 1.55
CA ASP A 288 9.03 9.89 0.60
C ASP A 288 8.09 11.09 0.81
N VAL A 289 7.89 11.48 2.07
CA VAL A 289 6.99 12.56 2.39
C VAL A 289 7.59 13.90 1.99
N VAL A 290 8.91 14.10 2.16
CA VAL A 290 9.51 15.40 1.89
C VAL A 290 9.73 15.60 0.39
N THR A 291 9.99 14.51 -0.34
CA THR A 291 10.23 14.59 -1.78
C THR A 291 8.93 14.81 -2.54
N GLU A 292 7.78 14.34 -2.03
CA GLU A 292 6.50 14.38 -2.73
C GLU A 292 5.52 15.41 -2.15
N THR A 293 5.79 15.99 -0.99
CA THR A 293 4.81 16.91 -0.39
C THR A 293 5.54 18.10 0.21
N CYS A 294 4.77 19.06 0.71
CA CYS A 294 5.36 20.21 1.37
C CYS A 294 4.91 20.21 2.82
N MET A 295 5.81 19.86 3.71
CA MET A 295 5.56 19.92 5.14
C MET A 295 5.58 21.37 5.62
N ASP A 296 4.56 21.76 6.42
CA ASP A 296 4.53 23.04 7.12
C ASP A 296 5.36 22.88 8.39
N GLU A 297 5.69 23.99 9.08
CA GLU A 297 6.62 24.01 10.19
C GLU A 297 6.07 23.25 11.41
N ALA A 298 4.75 23.20 11.53
CA ALA A 298 4.14 22.53 12.68
C ALA A 298 4.27 20.99 12.56
N GLN A 299 4.29 20.50 11.32
CA GLN A 299 4.58 19.12 11.03
C GLN A 299 6.04 18.78 11.26
N ILE A 300 6.95 19.69 10.82
CA ILE A 300 8.38 19.55 11.03
C ILE A 300 8.73 19.56 12.52
N ALA A 301 8.08 20.42 13.28
CA ALA A 301 8.27 20.42 14.72
C ALA A 301 7.85 19.09 15.34
N ALA A 302 6.73 18.53 14.85
CA ALA A 302 6.22 17.27 15.36
C ALA A 302 7.21 16.11 15.12
N VAL A 303 7.74 16.03 13.90
CA VAL A 303 8.73 15.04 13.55
C VAL A 303 10.03 15.24 14.33
N CYS A 304 10.51 16.48 14.45
CA CYS A 304 11.73 16.75 15.22
C CYS A 304 11.60 16.33 16.70
N ARG A 305 10.45 16.62 17.31
CA ARG A 305 10.19 16.22 18.69
C ARG A 305 10.27 14.70 18.86
N GLU A 306 9.66 13.94 17.93
CA GLU A 306 9.70 12.49 17.99
C GLU A 306 11.13 12.00 17.81
N CYS A 307 11.89 12.55 16.85
CA CYS A 307 13.27 12.13 16.66
C CYS A 307 14.16 12.49 17.86
N LEU A 308 13.87 13.61 18.57
CA LEU A 308 14.65 14.00 19.73
C LEU A 308 14.35 13.10 20.92
N GLN A 309 13.08 12.69 21.05
CA GLN A 309 12.69 11.72 22.07
C GLN A 309 13.44 10.42 21.86
N ALA A 310 13.63 9.99 20.62
CA ALA A 310 14.36 8.77 20.33
C ALA A 310 15.82 8.96 20.70
N LEU A 311 16.40 10.10 20.29
CA LEU A 311 17.83 10.36 20.47
C LEU A 311 18.15 10.50 21.95
N GLU A 312 17.23 11.09 22.70
CA GLU A 312 17.42 11.25 24.13
C GLU A 312 17.54 9.88 24.80
N PHE A 313 16.70 8.93 24.38
CA PHE A 313 16.70 7.55 24.86
C PHE A 313 17.97 6.80 24.45
N LEU A 314 18.37 6.95 23.19
CA LEU A 314 19.56 6.31 22.68
C LEU A 314 20.79 6.82 23.43
N HIS A 315 20.87 8.16 23.59
CA HIS A 315 22.00 8.79 24.26
C HIS A 315 22.03 8.38 25.74
N ALA A 316 20.86 8.31 26.39
CA ALA A 316 20.78 7.88 27.79
C ALA A 316 21.33 6.48 28.00
N ASN A 317 21.32 5.66 26.93
CA ASN A 317 21.77 4.27 26.94
C ASN A 317 23.10 4.13 26.20
N GLN A 318 23.82 5.25 26.02
CA GLN A 318 25.22 5.22 25.58
C GLN A 318 25.32 4.78 24.11
N VAL A 319 24.25 5.00 23.34
CA VAL A 319 24.25 4.68 21.92
C VAL A 319 24.30 6.00 21.16
N ILE A 320 25.26 6.17 20.25
CA ILE A 320 25.19 7.19 19.23
C ILE A 320 24.60 6.55 17.95
N HIS A 321 23.52 7.12 17.39
CA HIS A 321 22.90 6.57 16.19
C HIS A 321 23.85 6.62 15.00
N ARG A 322 24.35 7.80 14.65
CA ARG A 322 25.38 7.98 13.63
C ARG A 322 24.80 8.11 12.22
N ASN A 323 23.48 7.98 12.03
CA ASN A 323 22.91 7.89 10.67
C ASN A 323 21.51 8.51 10.61
N ILE A 324 21.30 9.58 11.38
CA ILE A 324 20.04 10.27 11.38
C ILE A 324 19.90 10.95 10.01
N LYS A 325 18.98 10.41 9.23
CA LYS A 325 18.61 10.99 7.96
C LYS A 325 17.19 10.54 7.68
N SER A 326 16.53 11.25 6.78
CA SER A 326 15.12 10.97 6.58
C SER A 326 14.87 9.52 6.06
N ASP A 327 15.88 8.87 5.45
CA ASP A 327 15.74 7.49 4.98
C ASP A 327 15.54 6.52 6.14
N ASN A 328 16.05 6.88 7.33
CA ASN A 328 16.07 6.03 8.50
C ASN A 328 14.99 6.46 9.50
N VAL A 329 14.06 7.26 8.99
CA VAL A 329 12.94 7.71 9.80
C VAL A 329 11.72 7.07 9.16
N LEU A 330 11.02 6.23 9.91
CA LEU A 330 9.96 5.41 9.39
C LEU A 330 8.64 5.95 9.94
N LEU A 331 7.64 6.06 9.07
CA LEU A 331 6.39 6.69 9.46
C LEU A 331 5.27 5.68 9.48
N GLY A 332 4.37 5.76 10.45
CA GLY A 332 3.15 4.99 10.41
C GLY A 332 2.02 5.79 9.78
N MET A 333 0.92 5.07 9.47
CA MET A 333 -0.19 5.63 8.71
C MET A 333 -0.91 6.73 9.50
N GLU A 334 -0.96 6.57 10.83
CA GLU A 334 -1.56 7.56 11.72
C GLU A 334 -0.53 8.56 12.26
N GLY A 335 0.71 8.54 11.73
CA GLY A 335 1.73 9.54 11.98
C GLY A 335 2.79 9.15 13.04
N SER A 336 2.70 7.96 13.62
CA SER A 336 3.72 7.39 14.48
C SER A 336 5.09 7.51 13.83
N VAL A 337 6.14 7.75 14.65
CA VAL A 337 7.47 8.00 14.12
C VAL A 337 8.44 7.06 14.81
N LYS A 338 9.29 6.36 14.04
CA LYS A 338 10.33 5.50 14.61
C LYS A 338 11.63 5.64 13.83
N LEU A 339 12.74 5.65 14.55
CA LEU A 339 14.08 5.56 13.98
C LEU A 339 14.50 4.11 13.73
N THR A 340 15.39 3.94 12.74
CA THR A 340 16.00 2.67 12.36
C THR A 340 17.48 2.91 12.05
N ASP A 341 18.30 1.85 11.93
CA ASP A 341 19.71 1.88 11.55
C ASP A 341 20.63 2.41 12.64
N PHE A 342 20.32 2.10 13.91
CA PHE A 342 21.17 2.49 15.01
C PHE A 342 22.10 1.32 15.38
N GLY A 343 21.65 0.07 15.23
CA GLY A 343 22.49 -1.05 15.63
C GLY A 343 22.73 -1.99 14.46
N PHE A 344 22.84 -3.29 14.77
CA PHE A 344 22.82 -4.35 13.78
C PHE A 344 21.38 -4.76 13.45
N CYS A 345 20.58 -5.02 14.47
CA CYS A 345 19.27 -5.61 14.28
C CYS A 345 18.32 -4.63 13.61
N ALA A 346 18.40 -3.35 14.01
CA ALA A 346 17.55 -2.27 13.51
C ALA A 346 18.07 -1.75 12.17
N GLN A 347 19.17 -2.28 11.66
CA GLN A 347 19.63 -1.96 10.32
C GLN A 347 18.73 -2.66 9.28
N ILE A 348 17.49 -2.16 9.11
CA ILE A 348 16.44 -2.81 8.33
C ILE A 348 16.00 -1.93 7.16
N THR A 349 16.76 -0.88 6.84
CA THR A 349 16.51 -0.13 5.59
C THR A 349 17.77 -0.21 4.73
N PRO A 350 17.64 -0.39 3.40
CA PRO A 350 18.79 -0.23 2.48
C PRO A 350 19.07 1.25 2.23
N VAL A 359 29.56 5.08 -1.92
CA VAL A 359 28.33 5.10 -2.75
C VAL A 359 27.89 6.55 -3.04
N GLY A 360 28.23 7.51 -2.17
CA GLY A 360 27.96 8.91 -2.45
C GLY A 360 28.34 9.86 -1.30
N THR A 361 27.65 10.99 -1.23
CA THR A 361 27.99 12.03 -0.28
C THR A 361 27.35 11.76 1.08
N PRO A 362 28.12 11.74 2.19
CA PRO A 362 27.54 11.63 3.53
C PRO A 362 27.06 12.97 4.11
N TYR A 363 26.00 13.51 3.51
CA TYR A 363 25.52 14.86 3.76
C TYR A 363 25.17 15.11 5.22
N TRP A 364 24.86 14.07 5.97
CA TRP A 364 24.27 14.20 7.31
C TRP A 364 25.35 14.30 8.40
N MET A 365 26.62 14.05 8.04
CA MET A 365 27.72 13.98 9.00
C MET A 365 28.15 15.36 9.50
N ALA A 366 28.37 15.44 10.82
CA ALA A 366 28.84 16.63 11.49
C ALA A 366 30.29 16.91 11.11
N PRO A 367 30.74 18.20 11.18
CA PRO A 367 32.13 18.57 10.88
C PRO A 367 33.22 17.86 11.69
N GLU A 368 32.96 17.49 12.95
CA GLU A 368 33.93 16.72 13.72
C GLU A 368 34.23 15.35 13.09
N VAL A 369 33.22 14.70 12.51
CA VAL A 369 33.39 13.36 11.99
C VAL A 369 34.31 13.40 10.78
N VAL A 370 33.97 14.24 9.79
CA VAL A 370 34.74 14.40 8.57
C VAL A 370 36.09 15.07 8.85
N THR A 371 36.23 15.81 9.98
CA THR A 371 37.53 16.29 10.47
C THR A 371 38.40 15.11 10.89
N ARG A 372 37.77 13.98 11.22
CA ARG A 372 38.42 12.82 11.81
C ARG A 372 38.90 13.16 13.24
N LYS A 373 38.25 14.13 13.90
CA LYS A 373 38.42 14.37 15.32
C LYS A 373 37.64 13.31 16.10
N ALA A 374 37.89 13.19 17.41
CA ALA A 374 36.98 12.45 18.29
C ALA A 374 35.63 13.16 18.35
N TYR A 375 34.53 12.37 18.50
CA TYR A 375 33.18 12.91 18.49
C TYR A 375 32.27 12.21 19.51
N GLY A 376 31.16 12.87 19.81
CA GLY A 376 30.21 12.42 20.82
C GLY A 376 28.79 12.38 20.25
N PRO A 377 27.78 12.21 21.15
CA PRO A 377 26.38 12.10 20.74
C PRO A 377 25.80 13.30 19.98
N LYS A 378 26.42 14.47 20.09
CA LYS A 378 25.85 15.66 19.45
C LYS A 378 26.07 15.64 17.94
N VAL A 379 26.69 14.58 17.40
CA VAL A 379 26.69 14.46 15.94
C VAL A 379 25.27 14.12 15.45
N ASP A 380 24.47 13.45 16.30
CA ASP A 380 23.10 13.11 15.94
C ASP A 380 22.23 14.35 15.83
N ILE A 381 22.53 15.35 16.67
CA ILE A 381 21.91 16.67 16.65
C ILE A 381 22.24 17.46 15.39
N TRP A 382 23.48 17.42 14.96
CA TRP A 382 23.83 18.01 13.68
C TRP A 382 22.99 17.38 12.57
N SER A 383 22.98 16.03 12.54
CA SER A 383 22.25 15.24 11.54
C SER A 383 20.75 15.58 11.56
N LEU A 384 20.19 15.78 12.75
CA LEU A 384 18.79 16.18 12.88
C LEU A 384 18.55 17.56 12.25
N GLY A 385 19.48 18.51 12.48
CA GLY A 385 19.39 19.78 11.81
C GLY A 385 19.46 19.66 10.30
N ILE A 386 20.38 18.87 9.78
CA ILE A 386 20.48 18.66 8.34
C ILE A 386 19.16 18.12 7.78
N MET A 387 18.56 17.18 8.53
CA MET A 387 17.30 16.57 8.16
C MET A 387 16.16 17.60 8.20
N ALA A 388 16.16 18.49 9.19
CA ALA A 388 15.14 19.56 9.21
C ALA A 388 15.24 20.47 7.97
N ILE A 389 16.46 20.68 7.43
CA ILE A 389 16.65 21.42 6.20
C ILE A 389 16.09 20.61 5.03
N GLU A 390 16.36 19.29 5.01
CA GLU A 390 15.83 18.41 3.98
C GLU A 390 14.30 18.47 3.97
N MET A 391 13.66 18.53 5.14
CA MET A 391 12.22 18.59 5.22
C MET A 391 11.65 19.86 4.60
N VAL A 392 12.46 20.94 4.53
CA VAL A 392 12.10 22.21 3.91
C VAL A 392 12.38 22.22 2.40
N GLU A 393 13.57 21.79 1.99
CA GLU A 393 14.00 21.92 0.60
C GLU A 393 13.55 20.72 -0.25
N GLY A 394 13.22 19.60 0.38
CA GLY A 394 12.63 18.47 -0.33
C GLY A 394 13.68 17.59 -1.00
N GLU A 395 14.96 17.85 -0.70
CA GLU A 395 16.07 17.03 -1.18
C GLU A 395 17.23 17.20 -0.19
N PRO A 396 18.16 16.23 -0.10
CA PRO A 396 19.34 16.40 0.75
C PRO A 396 20.31 17.40 0.11
N PRO A 397 21.19 18.05 0.91
CA PRO A 397 22.19 18.96 0.37
C PRO A 397 23.27 18.20 -0.38
N TYR A 398 24.10 18.97 -1.10
CA TYR A 398 25.27 18.47 -1.81
C TYR A 398 24.87 17.50 -2.92
N LEU A 399 23.68 17.71 -3.51
CA LEU A 399 23.04 16.69 -4.34
C LEU A 399 23.86 16.36 -5.59
N ASN A 400 24.49 17.38 -6.19
CA ASN A 400 25.23 17.22 -7.43
C ASN A 400 26.73 17.45 -7.25
N GLU A 401 27.19 17.59 -5.99
CA GLU A 401 28.59 17.85 -5.67
C GLU A 401 29.44 16.58 -5.87
N ASN A 402 30.73 16.83 -6.12
CA ASN A 402 31.78 15.83 -5.92
C ASN A 402 31.84 15.50 -4.43
N PRO A 403 31.80 14.21 -4.02
CA PRO A 403 31.82 13.86 -2.60
C PRO A 403 32.96 14.47 -1.77
N LEU A 404 34.15 14.60 -2.38
CA LEU A 404 35.32 15.16 -1.72
C LEU A 404 35.13 16.66 -1.51
N ARG A 405 34.55 17.34 -2.49
CA ARG A 405 34.24 18.75 -2.34
C ARG A 405 33.16 18.93 -1.25
N ALA A 406 32.18 18.01 -1.21
CA ALA A 406 31.11 18.07 -0.22
C ALA A 406 31.68 17.94 1.20
N LEU A 407 32.58 16.98 1.40
CA LEU A 407 33.28 16.82 2.67
C LEU A 407 34.03 18.10 3.02
N TYR A 408 34.73 18.69 2.03
CA TYR A 408 35.49 19.93 2.20
C TYR A 408 34.57 21.04 2.69
N LEU A 409 33.41 21.20 2.01
CA LEU A 409 32.42 22.20 2.35
C LEU A 409 31.84 21.97 3.75
N ILE A 410 31.60 20.71 4.15
CA ILE A 410 31.13 20.42 5.51
C ILE A 410 32.20 20.85 6.52
N ALA A 411 33.48 20.57 6.21
CA ALA A 411 34.58 20.82 7.13
C ALA A 411 34.83 22.31 7.32
N THR A 412 34.79 23.10 6.24
CA THR A 412 35.06 24.54 6.32
C THR A 412 33.82 25.36 6.67
N ASN A 413 32.68 25.08 6.01
CA ASN A 413 31.50 25.95 6.09
C ASN A 413 30.46 25.42 7.09
N GLY A 414 30.45 24.10 7.31
CA GLY A 414 29.42 23.41 8.09
C GLY A 414 28.08 23.38 7.35
N THR A 415 27.23 24.39 7.66
CA THR A 415 25.89 24.56 7.10
C THR A 415 25.96 24.84 5.60
N PRO A 416 25.30 24.05 4.73
CA PRO A 416 25.16 24.44 3.32
C PRO A 416 24.19 25.61 3.23
N GLU A 417 24.38 26.48 2.24
CA GLU A 417 23.62 27.73 2.15
C GLU A 417 22.19 27.42 1.71
N LEU A 418 21.21 28.06 2.36
CA LEU A 418 19.79 27.71 2.17
C LEU A 418 19.27 28.21 0.82
N GLN A 419 18.29 27.48 0.28
CA GLN A 419 17.58 27.79 -0.96
C GLN A 419 16.97 29.20 -0.91
N ASN A 420 16.17 29.51 0.13
CA ASN A 420 15.43 30.77 0.23
C ASN A 420 15.08 31.04 1.71
N PRO A 421 16.07 31.33 2.59
CA PRO A 421 15.86 31.41 4.04
C PRO A 421 14.85 32.38 4.65
N GLU A 422 14.36 33.35 3.87
CA GLU A 422 13.34 34.29 4.35
C GLU A 422 11.98 33.57 4.54
N LYS A 423 11.80 32.41 3.86
CA LYS A 423 10.54 31.69 3.87
C LYS A 423 10.29 31.03 5.23
N LEU A 424 11.36 30.76 6.01
CA LEU A 424 11.29 30.11 7.32
C LEU A 424 11.03 31.15 8.41
N SER A 425 10.39 30.72 9.49
CA SER A 425 10.16 31.57 10.64
C SER A 425 11.47 31.75 11.39
N PRO A 426 11.68 32.92 12.06
CA PRO A 426 12.83 33.08 12.96
C PRO A 426 12.99 31.98 14.01
N ILE A 427 11.90 31.49 14.61
CA ILE A 427 12.03 30.46 15.66
C ILE A 427 12.49 29.10 15.07
N PHE A 428 12.13 28.79 13.84
CA PHE A 428 12.70 27.63 13.16
C PHE A 428 14.19 27.87 12.83
N ARG A 429 14.54 29.05 12.31
CA ARG A 429 15.93 29.39 12.03
C ARG A 429 16.78 29.31 13.30
N ASP A 430 16.14 29.60 14.46
CA ASP A 430 16.85 29.51 15.72
C ASP A 430 17.17 28.06 16.04
N PHE A 431 16.17 27.19 15.89
CA PHE A 431 16.34 25.75 16.13
C PHE A 431 17.44 25.20 15.21
N LEU A 432 17.38 25.57 13.93
CA LEU A 432 18.37 25.17 12.95
C LEU A 432 19.78 25.61 13.35
N ASN A 433 19.91 26.82 13.91
CA ASN A 433 21.20 27.33 14.37
C ASN A 433 21.73 26.53 15.54
N ARG A 434 20.87 26.19 16.50
CA ARG A 434 21.32 25.47 17.69
C ARG A 434 21.67 24.01 17.36
N CYS A 435 21.09 23.46 16.28
CA CYS A 435 21.45 22.13 15.82
C CYS A 435 22.73 22.18 15.00
N LEU A 436 22.88 23.24 14.20
CA LEU A 436 23.97 23.31 13.24
C LEU A 436 25.05 24.29 13.67
N GLU A 437 25.25 24.43 14.98
CA GLU A 437 26.41 25.10 15.55
C GLU A 437 27.65 24.22 15.36
N MET A 438 28.75 24.80 14.83
CA MET A 438 29.97 24.04 14.59
C MET A 438 30.73 23.75 15.88
N ASP A 439 30.55 24.57 16.92
CA ASP A 439 31.12 24.33 18.22
C ASP A 439 30.25 23.30 18.95
N VAL A 440 30.85 22.16 19.30
CA VAL A 440 30.14 21.07 19.96
C VAL A 440 29.57 21.50 21.30
N GLU A 441 30.23 22.44 21.98
CA GLU A 441 29.79 22.88 23.30
C GLU A 441 28.54 23.74 23.15
N LYS A 442 28.44 24.48 22.03
CA LYS A 442 27.31 25.37 21.76
C LYS A 442 26.18 24.61 21.07
N ARG A 443 26.52 23.51 20.38
CA ARG A 443 25.52 22.68 19.76
C ARG A 443 24.66 22.10 20.87
N GLY A 444 23.34 22.01 20.61
CA GLY A 444 22.40 21.59 21.64
C GLY A 444 22.45 20.09 21.88
N SER A 445 22.05 19.69 23.09
CA SER A 445 21.83 18.30 23.45
C SER A 445 20.37 17.94 23.11
N ALA A 446 20.04 16.65 23.06
CA ALA A 446 18.67 16.23 22.81
C ALA A 446 17.75 16.66 23.96
N LYS A 447 18.19 16.50 25.22
CA LYS A 447 17.41 16.97 26.38
C LYS A 447 17.14 18.47 26.33
N GLU A 448 18.09 19.26 25.81
CA GLU A 448 17.96 20.69 25.72
C GLU A 448 16.98 21.07 24.62
N LEU A 449 17.16 20.51 23.42
CA LEU A 449 16.33 20.85 22.28
C LEU A 449 14.88 20.37 22.45
N LEU A 450 14.65 19.36 23.28
CA LEU A 450 13.30 18.98 23.64
C LEU A 450 12.54 20.13 24.30
N GLN A 451 13.25 21.11 24.89
CA GLN A 451 12.62 22.23 25.58
C GLN A 451 12.57 23.47 24.70
N HIS A 452 13.11 23.41 23.48
CA HIS A 452 13.20 24.56 22.61
C HIS A 452 11.81 24.96 22.12
N PRO A 453 11.52 26.30 22.04
CA PRO A 453 10.21 26.81 21.64
C PRO A 453 9.71 26.35 20.29
N PHE A 454 10.58 26.01 19.35
CA PHE A 454 10.12 25.54 18.04
C PHE A 454 9.18 24.34 18.17
N LEU A 455 9.45 23.42 19.10
CA LEU A 455 8.68 22.20 19.25
C LEU A 455 7.28 22.48 19.79
N LYS A 456 7.00 23.72 20.17
CA LYS A 456 5.71 24.05 20.78
C LYS A 456 4.74 24.36 19.64
N LEU A 457 5.26 24.59 18.44
CA LEU A 457 4.44 24.78 17.25
C LEU A 457 3.87 23.45 16.72
N ALA A 458 4.20 22.33 17.37
CA ALA A 458 4.02 21.01 16.81
C ALA A 458 2.56 20.60 16.72
N LYS A 459 2.14 20.19 15.53
CA LYS A 459 0.79 19.68 15.30
C LYS A 459 0.63 18.25 15.82
N PRO A 460 -0.62 17.75 15.95
CA PRO A 460 -0.85 16.32 16.18
C PRO A 460 -0.24 15.48 15.07
N LEU A 461 0.28 14.28 15.42
CA LEU A 461 0.95 13.44 14.45
C LEU A 461 0.02 12.96 13.33
N SER A 462 -1.28 12.85 13.60
CA SER A 462 -2.26 12.55 12.56
C SER A 462 -2.25 13.56 11.42
N SER A 463 -1.65 14.73 11.62
CA SER A 463 -1.62 15.75 10.59
C SER A 463 -0.73 15.29 9.44
N LEU A 464 0.12 14.27 9.71
CA LEU A 464 1.01 13.70 8.68
C LEU A 464 0.29 12.72 7.76
N THR A 465 -0.88 12.24 8.16
CA THR A 465 -1.59 11.16 7.50
C THR A 465 -1.87 11.53 6.04
N PRO A 466 -2.41 12.72 5.74
CA PRO A 466 -2.63 13.09 4.35
C PRO A 466 -1.36 13.22 3.51
N LEU A 467 -0.26 13.69 4.13
CA LEU A 467 1.02 13.75 3.43
C LEU A 467 1.54 12.35 3.09
N ILE A 468 1.32 11.38 4.00
CA ILE A 468 1.81 10.02 3.83
C ILE A 468 1.03 9.36 2.70
N MET A 469 -0.31 9.49 2.72
CA MET A 469 -1.16 8.91 1.70
C MET A 469 -0.84 9.53 0.35
N ALA A 470 -0.62 10.85 0.31
CA ALA A 470 -0.25 11.56 -0.90
C ALA A 470 1.08 11.05 -1.44
N ALA A 471 2.05 10.93 -0.55
CA ALA A 471 3.33 10.41 -0.92
C ALA A 471 3.20 8.98 -1.46
N LYS A 472 2.37 8.12 -0.83
CA LYS A 472 2.24 6.73 -1.23
C LYS A 472 1.62 6.60 -2.63
N GLU A 473 0.59 7.39 -2.93
CA GLU A 473 -0.05 7.37 -4.22
C GLU A 473 0.74 8.19 -5.26
N ALA A 474 1.76 8.94 -4.85
CA ALA A 474 2.60 9.68 -5.79
C ALA A 474 3.78 8.85 -6.29
N MET A 475 4.06 7.69 -5.67
CA MET A 475 5.24 6.92 -6.00
C MET A 475 5.14 6.34 -7.42
N LYS A 476 3.97 5.78 -7.78
CA LYS A 476 3.60 5.41 -9.16
C LYS A 476 4.69 4.63 -9.90
N SER A 477 5.34 3.67 -9.21
CA SER A 477 6.49 2.92 -9.73
C SER A 477 6.38 1.43 -9.37
N GLY B 48 -62.20 -16.91 -9.00
CA GLY B 48 -61.38 -16.65 -10.20
C GLY B 48 -61.31 -17.90 -11.08
N GLU B 49 -60.43 -17.86 -12.09
CA GLU B 49 -60.40 -18.87 -13.13
C GLU B 49 -59.59 -20.09 -12.68
N PHE B 50 -58.44 -19.84 -12.04
CA PHE B 50 -57.43 -20.88 -11.78
C PHE B 50 -57.22 -21.76 -13.01
N THR B 51 -56.78 -21.15 -14.13
CA THR B 51 -56.62 -21.82 -15.42
C THR B 51 -55.51 -22.87 -15.30
N GLY B 52 -55.77 -24.07 -15.84
CA GLY B 52 -54.79 -25.14 -15.90
C GLY B 52 -54.62 -25.87 -14.57
N MET B 53 -53.62 -26.75 -14.50
CA MET B 53 -53.31 -27.55 -13.32
C MET B 53 -51.89 -27.25 -12.85
N PRO B 54 -51.67 -26.87 -11.57
CA PRO B 54 -50.33 -26.56 -11.06
C PRO B 54 -49.40 -27.76 -11.13
N GLU B 55 -48.13 -27.53 -11.51
CA GLU B 55 -47.10 -28.56 -11.45
C GLU B 55 -46.43 -28.49 -10.08
N GLN B 56 -47.25 -28.64 -9.03
CA GLN B 56 -46.80 -28.67 -7.63
C GLN B 56 -46.44 -27.27 -7.12
N TRP B 57 -46.65 -26.24 -7.94
CA TRP B 57 -46.24 -24.88 -7.59
C TRP B 57 -47.43 -24.10 -7.01
N ALA B 58 -48.62 -24.71 -6.96
CA ALA B 58 -49.77 -24.10 -6.29
C ALA B 58 -49.49 -23.95 -4.80
N ARG B 59 -48.85 -24.98 -4.19
CA ARG B 59 -48.35 -24.90 -2.84
C ARG B 59 -47.33 -23.77 -2.75
N LEU B 60 -46.49 -23.64 -3.80
CA LEU B 60 -45.46 -22.62 -3.87
C LEU B 60 -46.07 -21.22 -3.82
N LEU B 61 -47.21 -21.03 -4.52
CA LEU B 61 -47.96 -19.78 -4.45
C LEU B 61 -48.39 -19.53 -3.01
N GLN B 62 -48.88 -20.60 -2.35
CA GLN B 62 -49.39 -20.52 -0.98
C GLN B 62 -48.26 -20.21 0.02
N THR B 63 -47.08 -20.85 -0.13
CA THR B 63 -45.98 -20.67 0.83
C THR B 63 -45.52 -19.21 0.86
N SER B 64 -45.41 -18.58 -0.31
CA SER B 64 -45.09 -17.16 -0.39
C SER B 64 -46.31 -16.37 0.05
N ASN B 65 -46.09 -15.19 0.64
CA ASN B 65 -47.14 -14.39 1.25
C ASN B 65 -47.84 -13.54 0.18
N ILE B 66 -47.87 -14.03 -1.07
CA ILE B 66 -48.81 -13.58 -2.09
C ILE B 66 -50.15 -14.23 -1.78
N THR B 67 -51.27 -13.61 -2.20
CA THR B 67 -52.58 -14.13 -1.85
C THR B 67 -53.52 -14.07 -3.06
N LYS B 68 -54.53 -14.97 -3.02
CA LYS B 68 -55.50 -15.17 -4.08
C LYS B 68 -56.29 -13.88 -4.34
N LEU B 69 -56.42 -13.05 -3.30
CA LEU B 69 -57.04 -11.74 -3.34
C LEU B 69 -56.24 -10.78 -4.23
N GLU B 70 -54.91 -11.00 -4.29
CA GLU B 70 -53.97 -10.08 -4.93
C GLU B 70 -53.82 -10.38 -6.42
N GLN B 71 -54.15 -11.61 -6.84
CA GLN B 71 -53.93 -12.07 -8.21
C GLN B 71 -54.87 -11.40 -9.22
N LYS B 72 -55.84 -10.62 -8.75
CA LYS B 72 -56.96 -10.14 -9.56
C LYS B 72 -56.50 -9.38 -10.81
N LYS B 73 -55.63 -8.37 -10.62
CA LYS B 73 -55.38 -7.34 -11.62
C LYS B 73 -54.59 -7.87 -12.82
N ASN B 74 -53.67 -8.81 -12.56
CA ASN B 74 -52.99 -9.55 -13.61
C ASN B 74 -52.58 -10.91 -13.05
N PRO B 75 -53.32 -12.00 -13.40
CA PRO B 75 -52.99 -13.34 -12.92
C PRO B 75 -51.89 -14.06 -13.72
N GLN B 76 -51.76 -13.72 -15.00
CA GLN B 76 -50.73 -14.32 -15.84
C GLN B 76 -49.35 -14.04 -15.25
N ALA B 77 -49.19 -12.84 -14.67
CA ALA B 77 -47.98 -12.41 -13.98
C ALA B 77 -47.63 -13.29 -12.77
N VAL B 78 -48.57 -14.12 -12.30
CA VAL B 78 -48.26 -15.08 -11.25
C VAL B 78 -47.64 -16.33 -11.87
N LEU B 79 -48.18 -16.77 -13.01
CA LEU B 79 -47.78 -18.01 -13.67
C LEU B 79 -46.33 -17.92 -14.16
N ASP B 80 -45.98 -16.84 -14.88
CA ASP B 80 -44.67 -16.76 -15.53
C ASP B 80 -43.58 -16.53 -14.48
N VAL B 81 -43.96 -15.98 -13.31
CA VAL B 81 -43.10 -15.92 -12.13
C VAL B 81 -42.80 -17.33 -11.58
N LEU B 82 -43.83 -18.19 -11.51
CA LEU B 82 -43.68 -19.57 -11.07
C LEU B 82 -42.82 -20.36 -12.07
N LYS B 83 -43.10 -20.16 -13.37
CA LYS B 83 -42.34 -20.75 -14.46
C LYS B 83 -40.86 -20.34 -14.37
N PHE B 84 -40.60 -19.06 -14.05
CA PHE B 84 -39.25 -18.53 -13.92
C PHE B 84 -38.56 -19.19 -12.71
N TYR B 85 -39.25 -19.21 -11.56
CA TYR B 85 -38.71 -19.78 -10.34
C TYR B 85 -38.32 -21.24 -10.56
N ASP B 86 -39.21 -22.00 -11.22
CA ASP B 86 -39.06 -23.42 -11.49
C ASP B 86 -37.85 -23.70 -12.38
N SER B 87 -37.52 -22.75 -13.28
CA SER B 87 -36.49 -22.94 -14.30
C SER B 87 -35.07 -23.04 -13.71
N ASN B 88 -34.92 -22.74 -12.41
CA ASN B 88 -33.64 -22.83 -11.71
C ASN B 88 -32.84 -24.03 -12.23
N LYS B 181 -10.49 -36.76 -20.47
CA LYS B 181 -10.92 -36.66 -21.89
C LYS B 181 -9.94 -35.78 -22.67
N MET B 182 -9.65 -34.58 -22.15
CA MET B 182 -8.76 -33.63 -22.80
C MET B 182 -7.31 -34.10 -22.61
N THR B 183 -6.53 -34.15 -23.69
CA THR B 183 -5.17 -34.67 -23.60
C THR B 183 -4.19 -33.55 -23.25
N ASP B 184 -2.96 -33.94 -22.90
CA ASP B 184 -1.90 -33.00 -22.57
C ASP B 184 -1.57 -32.11 -23.76
N GLU B 185 -1.65 -32.69 -24.96
CA GLU B 185 -1.34 -32.00 -26.21
C GLU B 185 -2.45 -30.98 -26.48
N GLU B 186 -3.69 -31.37 -26.18
CA GLU B 186 -4.82 -30.49 -26.37
C GLU B 186 -4.77 -29.28 -25.42
N ILE B 187 -4.46 -29.54 -24.15
CA ILE B 187 -4.25 -28.50 -23.15
C ILE B 187 -3.14 -27.54 -23.60
N MET B 188 -2.02 -28.08 -24.08
CA MET B 188 -0.94 -27.22 -24.50
C MET B 188 -1.33 -26.38 -25.72
N GLU B 189 -2.21 -26.89 -26.59
CA GLU B 189 -2.65 -26.14 -27.76
C GLU B 189 -3.61 -25.02 -27.33
N LYS B 190 -4.54 -25.34 -26.44
CA LYS B 190 -5.45 -24.37 -25.83
C LYS B 190 -4.75 -23.33 -24.92
N LEU B 191 -3.53 -23.58 -24.37
CA LEU B 191 -2.83 -22.63 -23.52
C LEU B 191 -1.82 -21.83 -24.33
N ARG B 192 -1.71 -22.08 -25.64
CA ARG B 192 -0.67 -21.48 -26.47
C ARG B 192 -0.69 -19.95 -26.46
N THR B 193 -1.88 -19.32 -26.39
CA THR B 193 -1.95 -17.87 -26.49
C THR B 193 -2.06 -17.22 -25.13
N ILE B 194 -2.25 -18.01 -24.06
CA ILE B 194 -2.42 -17.41 -22.74
C ILE B 194 -1.19 -17.55 -21.84
N VAL B 195 -0.32 -18.54 -22.04
CA VAL B 195 0.75 -18.79 -21.08
C VAL B 195 1.98 -17.96 -21.43
N SER B 196 2.60 -17.35 -20.41
CA SER B 196 3.88 -16.64 -20.55
C SER B 196 5.03 -17.50 -20.01
N ILE B 197 6.15 -17.46 -20.70
CA ILE B 197 7.34 -18.15 -20.29
C ILE B 197 8.13 -17.22 -19.38
N GLY B 198 7.71 -17.20 -18.10
CA GLY B 198 8.43 -16.52 -17.03
C GLY B 198 8.13 -17.16 -15.67
N ASP B 199 8.85 -16.69 -14.64
CA ASP B 199 8.79 -17.28 -13.31
C ASP B 199 7.88 -16.48 -12.39
N PRO B 200 6.70 -16.99 -11.96
CA PRO B 200 5.85 -16.27 -11.02
C PRO B 200 6.47 -15.88 -9.68
N LYS B 201 7.59 -16.51 -9.29
CA LYS B 201 8.17 -16.22 -7.99
C LYS B 201 9.21 -15.10 -8.13
N LYS B 202 9.53 -14.70 -9.37
CA LYS B 202 10.39 -13.56 -9.64
C LYS B 202 9.58 -12.38 -10.16
N LYS B 203 8.40 -12.63 -10.74
CA LYS B 203 7.62 -11.58 -11.35
C LYS B 203 6.65 -10.98 -10.34
N TYR B 204 6.36 -11.68 -9.25
CA TYR B 204 5.40 -11.23 -8.26
C TYR B 204 6.04 -11.42 -6.87
N THR B 205 5.73 -10.52 -5.91
CA THR B 205 6.11 -10.68 -4.51
C THR B 205 4.92 -10.36 -3.64
N ARG B 206 5.16 -10.27 -2.33
CA ARG B 206 4.15 -10.01 -1.32
C ARG B 206 2.92 -10.90 -1.52
N TYR B 207 3.17 -12.20 -1.66
CA TYR B 207 2.06 -13.14 -1.83
C TYR B 207 1.32 -13.28 -0.53
N GLU B 208 0.00 -13.30 -0.60
CA GLU B 208 -0.84 -13.58 0.55
C GLU B 208 -2.04 -14.39 0.05
N LYS B 209 -2.30 -15.51 0.72
CA LYS B 209 -3.41 -16.39 0.43
C LYS B 209 -4.68 -15.77 0.97
N ILE B 210 -5.72 -15.64 0.12
CA ILE B 210 -6.99 -15.09 0.55
C ILE B 210 -8.16 -16.05 0.29
N GLY B 211 -7.90 -17.29 -0.14
CA GLY B 211 -8.98 -18.25 -0.31
C GLY B 211 -8.45 -19.59 -0.80
N GLN B 212 -9.17 -20.69 -0.49
CA GLN B 212 -8.70 -22.02 -0.81
C GLN B 212 -9.86 -22.99 -1.07
N GLY B 213 -9.58 -24.01 -1.90
CA GLY B 213 -10.37 -25.22 -1.97
C GLY B 213 -11.53 -25.18 -2.95
N ALA B 214 -12.19 -24.01 -3.08
CA ALA B 214 -13.51 -23.91 -3.69
C ALA B 214 -13.48 -24.37 -5.16
N SER B 215 -12.43 -23.98 -5.88
CA SER B 215 -12.18 -24.38 -7.26
C SER B 215 -10.73 -24.05 -7.63
N GLY B 216 -9.83 -24.18 -6.63
CA GLY B 216 -8.46 -23.66 -6.69
C GLY B 216 -8.15 -22.66 -5.56
N THR B 217 -6.87 -22.33 -5.37
CA THR B 217 -6.39 -21.35 -4.40
C THR B 217 -6.29 -19.93 -4.98
N VAL B 218 -6.73 -18.92 -4.20
CA VAL B 218 -6.62 -17.53 -4.62
C VAL B 218 -5.61 -16.80 -3.73
N PHE B 219 -4.75 -15.98 -4.36
CA PHE B 219 -3.73 -15.23 -3.67
C PHE B 219 -3.79 -13.77 -4.08
N THR B 220 -3.32 -12.85 -3.24
CA THR B 220 -2.97 -11.49 -3.68
C THR B 220 -1.45 -11.41 -3.77
N ALA B 221 -0.96 -10.58 -4.66
CA ALA B 221 0.47 -10.38 -4.78
C ALA B 221 0.68 -9.02 -5.44
N THR B 222 1.94 -8.58 -5.58
CA THR B 222 2.19 -7.36 -6.31
C THR B 222 3.03 -7.72 -7.52
N ASP B 223 2.57 -7.20 -8.67
CA ASP B 223 3.24 -7.30 -9.95
C ASP B 223 4.37 -6.30 -9.92
N VAL B 224 5.59 -6.81 -10.09
CA VAL B 224 6.80 -6.02 -9.98
C VAL B 224 6.88 -5.01 -11.13
N ALA B 225 6.47 -5.42 -12.34
CA ALA B 225 6.61 -4.61 -13.53
C ALA B 225 5.56 -3.49 -13.55
N LEU B 226 4.31 -3.80 -13.18
CA LEU B 226 3.22 -2.84 -13.18
C LEU B 226 3.26 -1.93 -11.94
N GLY B 227 3.86 -2.41 -10.84
CA GLY B 227 3.79 -1.78 -9.54
C GLY B 227 2.38 -1.81 -8.94
N GLN B 228 1.64 -2.90 -9.19
CA GLN B 228 0.25 -2.99 -8.78
C GLN B 228 -0.06 -4.31 -8.09
N GLU B 229 -1.09 -4.28 -7.26
CA GLU B 229 -1.62 -5.45 -6.62
C GLU B 229 -2.45 -6.20 -7.67
N VAL B 230 -2.32 -7.53 -7.68
CA VAL B 230 -2.99 -8.41 -8.59
C VAL B 230 -3.55 -9.57 -7.79
N ALA B 231 -4.52 -10.23 -8.39
CA ALA B 231 -5.09 -11.44 -7.83
C ALA B 231 -4.56 -12.59 -8.68
N ILE B 232 -4.22 -13.70 -8.01
CA ILE B 232 -3.72 -14.89 -8.69
C ILE B 232 -4.57 -16.08 -8.26
N LYS B 233 -5.11 -16.80 -9.25
CA LYS B 233 -5.86 -18.02 -9.02
C LYS B 233 -5.04 -19.20 -9.52
N GLN B 234 -4.83 -20.22 -8.67
CA GLN B 234 -4.23 -21.50 -9.07
C GLN B 234 -5.31 -22.49 -9.49
N ILE B 235 -5.21 -22.97 -10.74
CA ILE B 235 -6.04 -24.05 -11.23
C ILE B 235 -5.19 -25.31 -11.33
N ASN B 236 -5.56 -26.41 -10.68
CA ASN B 236 -4.96 -27.72 -10.97
C ASN B 236 -5.58 -28.30 -12.25
N LEU B 237 -4.82 -28.31 -13.35
CA LEU B 237 -5.28 -28.80 -14.65
C LEU B 237 -5.46 -30.32 -14.68
N GLN B 238 -4.89 -31.10 -13.75
CA GLN B 238 -5.17 -32.52 -13.71
C GLN B 238 -6.52 -32.76 -13.03
N LYS B 239 -6.82 -32.03 -11.97
CA LYS B 239 -8.00 -32.28 -11.15
C LYS B 239 -9.22 -31.50 -11.62
N GLN B 240 -9.06 -30.34 -12.26
CA GLN B 240 -10.20 -29.46 -12.50
C GLN B 240 -11.12 -30.10 -13.54
N PRO B 241 -12.45 -30.23 -13.25
CA PRO B 241 -13.39 -30.69 -14.26
C PRO B 241 -13.79 -29.55 -15.20
N LYS B 242 -13.87 -29.87 -16.49
CA LYS B 242 -14.25 -28.93 -17.53
C LYS B 242 -13.10 -27.94 -17.75
N LYS B 243 -11.89 -28.48 -17.92
CA LYS B 243 -10.72 -27.69 -18.25
C LYS B 243 -10.98 -26.85 -19.49
N GLU B 244 -11.68 -27.44 -20.48
CA GLU B 244 -11.93 -26.80 -21.75
C GLU B 244 -12.73 -25.50 -21.56
N LEU B 245 -13.74 -25.57 -20.70
CA LEU B 245 -14.60 -24.44 -20.36
C LEU B 245 -13.84 -23.36 -19.61
N ILE B 246 -13.01 -23.75 -18.62
CA ILE B 246 -12.20 -22.81 -17.86
C ILE B 246 -11.24 -22.09 -18.80
N ILE B 247 -10.51 -22.84 -19.64
CA ILE B 247 -9.54 -22.23 -20.53
C ILE B 247 -10.23 -21.35 -21.56
N ASN B 248 -11.48 -21.69 -21.94
CA ASN B 248 -12.27 -20.85 -22.84
C ASN B 248 -12.63 -19.53 -22.17
N GLU B 249 -13.09 -19.56 -20.90
CA GLU B 249 -13.39 -18.36 -20.13
C GLU B 249 -12.18 -17.45 -20.06
N ILE B 250 -10.97 -18.02 -19.94
CA ILE B 250 -9.75 -17.24 -19.90
C ILE B 250 -9.50 -16.62 -21.28
N LEU B 251 -9.69 -17.38 -22.34
CA LEU B 251 -9.49 -16.87 -23.69
C LEU B 251 -10.44 -15.72 -23.99
N VAL B 252 -11.67 -15.79 -23.45
CA VAL B 252 -12.65 -14.74 -23.58
C VAL B 252 -12.18 -13.50 -22.83
N MET B 253 -11.79 -13.69 -21.56
CA MET B 253 -11.37 -12.61 -20.67
C MET B 253 -10.16 -11.88 -21.26
N LYS B 254 -9.26 -12.59 -21.94
CA LYS B 254 -8.08 -12.05 -22.61
C LYS B 254 -8.47 -11.19 -23.81
N GLU B 255 -9.64 -11.46 -24.42
CA GLU B 255 -10.09 -10.74 -25.60
C GLU B 255 -10.84 -9.44 -25.23
N LEU B 256 -11.70 -9.51 -24.21
CA LEU B 256 -12.39 -8.35 -23.67
C LEU B 256 -11.48 -7.51 -22.77
N LYS B 257 -10.87 -6.45 -23.29
CA LYS B 257 -10.06 -5.53 -22.54
C LYS B 257 -10.74 -4.17 -22.45
N ASN B 258 -10.88 -3.69 -21.20
CA ASN B 258 -11.49 -2.40 -20.91
C ASN B 258 -11.06 -1.96 -19.51
N PRO B 259 -10.74 -0.66 -19.28
CA PRO B 259 -10.40 -0.21 -17.93
C PRO B 259 -11.43 -0.42 -16.84
N ASN B 260 -12.73 -0.57 -17.17
CA ASN B 260 -13.79 -0.62 -16.17
C ASN B 260 -14.33 -2.02 -15.98
N ILE B 261 -13.61 -3.04 -16.50
CA ILE B 261 -13.82 -4.43 -16.05
C ILE B 261 -12.53 -4.92 -15.39
N VAL B 262 -12.64 -5.98 -14.58
CA VAL B 262 -11.46 -6.73 -14.13
C VAL B 262 -10.81 -7.48 -15.29
N ASN B 263 -9.56 -7.16 -15.64
CA ASN B 263 -8.92 -7.72 -16.82
C ASN B 263 -7.96 -8.88 -16.48
N PHE B 264 -7.80 -9.78 -17.46
CA PHE B 264 -6.71 -10.74 -17.50
C PHE B 264 -5.39 -10.04 -17.77
N LEU B 265 -4.40 -10.38 -16.94
CA LEU B 265 -3.08 -9.78 -17.06
C LEU B 265 -2.11 -10.80 -17.62
N ASP B 266 -2.09 -12.00 -17.07
CA ASP B 266 -1.03 -12.94 -17.44
C ASP B 266 -1.39 -14.35 -16.98
N SER B 267 -0.67 -15.34 -17.53
CA SER B 267 -0.85 -16.72 -17.09
C SER B 267 0.47 -17.48 -17.12
N TYR B 268 0.65 -18.40 -16.15
CA TYR B 268 1.86 -19.19 -16.08
C TYR B 268 1.48 -20.65 -15.85
N LEU B 269 2.27 -21.55 -16.44
CA LEU B 269 2.12 -23.00 -16.23
C LEU B 269 3.26 -23.43 -15.34
N VAL B 270 2.91 -23.92 -14.15
CA VAL B 270 3.88 -24.48 -13.21
C VAL B 270 3.54 -25.94 -12.96
N GLY B 271 4.11 -26.87 -13.75
CA GLY B 271 3.76 -28.29 -13.66
C GLY B 271 2.35 -28.57 -14.19
N ASP B 272 1.44 -28.92 -13.30
CA ASP B 272 0.06 -29.23 -13.60
C ASP B 272 -0.82 -28.05 -13.16
N GLU B 273 -0.18 -27.02 -12.61
CA GLU B 273 -0.88 -25.92 -11.96
C GLU B 273 -0.79 -24.68 -12.85
N LEU B 274 -1.95 -24.15 -13.20
CA LEU B 274 -2.06 -22.95 -14.01
C LEU B 274 -2.33 -21.77 -13.09
N PHE B 275 -1.44 -20.77 -13.14
CA PHE B 275 -1.60 -19.53 -12.42
C PHE B 275 -2.20 -18.48 -13.35
N VAL B 276 -3.42 -18.01 -12.99
CA VAL B 276 -4.11 -16.99 -13.76
C VAL B 276 -4.07 -15.67 -13.01
N VAL B 277 -3.42 -14.67 -13.60
CA VAL B 277 -3.25 -13.37 -12.96
C VAL B 277 -4.28 -12.37 -13.48
N MET B 278 -4.93 -11.73 -12.53
CA MET B 278 -6.04 -10.84 -12.81
C MET B 278 -5.83 -9.52 -12.08
N GLU B 279 -6.49 -8.46 -12.55
CA GLU B 279 -6.48 -7.21 -11.83
C GLU B 279 -7.13 -7.39 -10.45
N TYR B 280 -6.63 -6.64 -9.47
CA TYR B 280 -7.21 -6.63 -8.14
C TYR B 280 -7.44 -5.20 -7.69
N LEU B 281 -8.53 -4.97 -6.98
CA LEU B 281 -8.79 -3.67 -6.40
C LEU B 281 -8.90 -3.88 -4.89
N ALA B 282 -8.16 -3.05 -4.11
CA ALA B 282 -8.06 -3.28 -2.68
C ALA B 282 -9.14 -2.57 -1.89
N GLY B 283 -10.17 -2.02 -2.54
CA GLY B 283 -11.14 -1.22 -1.82
C GLY B 283 -12.50 -1.88 -1.61
N GLY B 284 -12.53 -3.21 -1.73
CA GLY B 284 -13.76 -3.96 -1.52
C GLY B 284 -14.76 -3.70 -2.65
N SER B 285 -16.05 -3.81 -2.30
CA SER B 285 -17.14 -3.70 -3.23
C SER B 285 -18.05 -2.54 -2.85
N LEU B 286 -18.83 -2.06 -3.82
CA LEU B 286 -19.82 -1.02 -3.58
C LEU B 286 -20.82 -1.41 -2.49
N THR B 287 -21.08 -2.71 -2.29
CA THR B 287 -21.96 -3.17 -1.20
C THR B 287 -21.43 -2.72 0.15
N ASP B 288 -20.10 -2.83 0.31
CA ASP B 288 -19.42 -2.44 1.53
C ASP B 288 -19.66 -0.96 1.82
N VAL B 289 -19.44 -0.11 0.80
CA VAL B 289 -19.59 1.31 0.97
C VAL B 289 -21.02 1.66 1.35
N VAL B 290 -21.99 1.05 0.65
CA VAL B 290 -23.38 1.48 0.70
C VAL B 290 -24.05 1.03 2.00
N THR B 291 -23.58 -0.11 2.55
CA THR B 291 -24.11 -0.62 3.80
C THR B 291 -23.49 0.08 5.01
N GLU B 292 -22.30 0.72 4.89
CA GLU B 292 -21.59 1.38 5.99
C GLU B 292 -21.63 2.91 5.95
N THR B 293 -21.83 3.53 4.76
CA THR B 293 -21.74 4.97 4.60
C THR B 293 -22.85 5.49 3.68
N CYS B 294 -23.11 6.80 3.71
CA CYS B 294 -24.05 7.42 2.80
C CYS B 294 -23.33 8.16 1.70
N MET B 295 -23.55 7.78 0.43
CA MET B 295 -23.02 8.51 -0.70
C MET B 295 -23.93 9.69 -1.03
N ASP B 296 -23.36 10.75 -1.61
CA ASP B 296 -24.10 11.90 -2.08
C ASP B 296 -24.38 11.73 -3.58
N GLU B 297 -25.20 12.64 -4.16
CA GLU B 297 -25.56 12.55 -5.56
C GLU B 297 -24.34 12.53 -6.46
N ALA B 298 -23.35 13.37 -6.15
CA ALA B 298 -22.20 13.57 -7.02
C ALA B 298 -21.31 12.33 -7.04
N GLN B 299 -21.24 11.63 -5.91
CA GLN B 299 -20.54 10.37 -5.79
C GLN B 299 -21.29 9.30 -6.59
N ILE B 300 -22.64 9.27 -6.46
CA ILE B 300 -23.46 8.32 -7.19
C ILE B 300 -23.29 8.51 -8.70
N ALA B 301 -23.33 9.75 -9.18
CA ALA B 301 -23.12 10.05 -10.57
C ALA B 301 -21.76 9.55 -11.07
N ALA B 302 -20.70 9.66 -10.26
CA ALA B 302 -19.39 9.18 -10.67
C ALA B 302 -19.38 7.67 -10.83
N VAL B 303 -20.03 6.96 -9.90
CA VAL B 303 -20.12 5.51 -9.95
C VAL B 303 -21.01 5.02 -11.10
N CYS B 304 -22.12 5.72 -11.35
CA CYS B 304 -23.03 5.39 -12.43
C CYS B 304 -22.32 5.52 -13.78
N ARG B 305 -21.53 6.58 -13.96
CA ARG B 305 -20.80 6.81 -15.21
C ARG B 305 -19.78 5.71 -15.50
N GLU B 306 -19.06 5.27 -14.47
CA GLU B 306 -18.02 4.25 -14.64
C GLU B 306 -18.68 2.92 -14.99
N CYS B 307 -19.77 2.61 -14.28
CA CYS B 307 -20.55 1.44 -14.63
C CYS B 307 -21.04 1.53 -16.09
N LEU B 308 -21.54 2.70 -16.52
CA LEU B 308 -22.10 2.83 -17.85
C LEU B 308 -21.01 2.72 -18.91
N GLN B 309 -19.78 3.12 -18.56
CA GLN B 309 -18.63 2.93 -19.44
C GLN B 309 -18.36 1.44 -19.66
N ALA B 310 -18.54 0.63 -18.60
CA ALA B 310 -18.31 -0.80 -18.68
C ALA B 310 -19.43 -1.46 -19.47
N LEU B 311 -20.69 -1.06 -19.23
CA LEU B 311 -21.86 -1.60 -19.92
C LEU B 311 -21.82 -1.25 -21.41
N GLU B 312 -21.39 -0.05 -21.75
CA GLU B 312 -21.37 0.31 -23.16
C GLU B 312 -20.36 -0.55 -23.92
N PHE B 313 -19.20 -0.81 -23.31
CA PHE B 313 -18.18 -1.69 -23.86
C PHE B 313 -18.68 -3.14 -23.95
N LEU B 314 -19.33 -3.61 -22.89
CA LEU B 314 -19.81 -4.97 -22.87
C LEU B 314 -20.90 -5.16 -23.93
N HIS B 315 -21.87 -4.25 -23.99
CA HIS B 315 -22.92 -4.30 -25.00
C HIS B 315 -22.37 -4.16 -26.43
N ALA B 316 -21.30 -3.39 -26.65
CA ALA B 316 -20.69 -3.28 -27.97
C ALA B 316 -20.00 -4.56 -28.42
N ASN B 317 -19.66 -5.46 -27.47
CA ASN B 317 -18.95 -6.70 -27.77
C ASN B 317 -19.90 -7.86 -27.48
N GLN B 318 -21.19 -7.59 -27.54
CA GLN B 318 -22.22 -8.63 -27.60
C GLN B 318 -22.36 -9.35 -26.26
N VAL B 319 -21.92 -8.72 -25.16
CA VAL B 319 -22.06 -9.30 -23.83
C VAL B 319 -23.23 -8.64 -23.12
N ILE B 320 -24.10 -9.44 -22.49
CA ILE B 320 -25.04 -8.97 -21.48
C ILE B 320 -24.53 -9.45 -20.13
N HIS B 321 -24.49 -8.56 -19.15
CA HIS B 321 -23.88 -8.87 -17.88
C HIS B 321 -24.82 -9.71 -17.03
N ARG B 322 -26.08 -9.29 -16.89
CA ARG B 322 -27.13 -10.01 -16.17
C ARG B 322 -27.02 -9.95 -14.64
N ASN B 323 -25.85 -9.64 -14.07
CA ASN B 323 -25.69 -9.53 -12.62
C ASN B 323 -25.14 -8.17 -12.19
N ILE B 324 -25.75 -7.07 -12.65
CA ILE B 324 -25.34 -5.75 -12.21
C ILE B 324 -25.95 -5.54 -10.83
N LYS B 325 -25.10 -5.67 -9.82
CA LYS B 325 -25.49 -5.49 -8.43
C LYS B 325 -24.25 -5.01 -7.69
N SER B 326 -24.45 -4.36 -6.55
CA SER B 326 -23.36 -3.69 -5.86
C SER B 326 -22.25 -4.63 -5.38
N ASP B 327 -22.53 -5.94 -5.26
CA ASP B 327 -21.52 -6.96 -4.94
C ASP B 327 -20.49 -7.08 -6.05
N ASN B 328 -20.89 -6.74 -7.29
CA ASN B 328 -20.11 -6.99 -8.48
C ASN B 328 -19.46 -5.72 -9.03
N VAL B 329 -19.61 -4.62 -8.27
CA VAL B 329 -18.88 -3.39 -8.53
C VAL B 329 -17.74 -3.31 -7.54
N LEU B 330 -16.50 -3.42 -8.04
CA LEU B 330 -15.32 -3.42 -7.20
C LEU B 330 -14.71 -2.03 -7.21
N LEU B 331 -14.15 -1.64 -6.07
CA LEU B 331 -13.67 -0.30 -5.79
C LEU B 331 -12.19 -0.37 -5.47
N GLY B 332 -11.42 0.56 -6.03
CA GLY B 332 -10.05 0.82 -5.60
C GLY B 332 -9.96 1.81 -4.44
N MET B 333 -8.81 1.82 -3.76
CA MET B 333 -8.56 2.80 -2.70
C MET B 333 -8.70 4.23 -3.22
N GLU B 334 -8.18 4.52 -4.41
CA GLU B 334 -8.25 5.85 -5.00
C GLU B 334 -9.57 6.15 -5.72
N GLY B 335 -10.44 5.17 -5.91
CA GLY B 335 -11.78 5.44 -6.40
C GLY B 335 -12.13 4.71 -7.72
N SER B 336 -11.17 3.98 -8.31
CA SER B 336 -11.35 3.16 -9.48
C SER B 336 -12.56 2.24 -9.33
N VAL B 337 -13.29 2.07 -10.41
CA VAL B 337 -14.47 1.23 -10.41
C VAL B 337 -14.31 0.16 -11.51
N LYS B 338 -14.41 -1.12 -11.14
CA LYS B 338 -14.37 -2.22 -12.08
C LYS B 338 -15.56 -3.17 -11.89
N LEU B 339 -16.18 -3.60 -13.00
CA LEU B 339 -17.17 -4.68 -12.98
C LEU B 339 -16.50 -6.04 -12.91
N THR B 340 -17.09 -6.96 -12.16
CA THR B 340 -16.70 -8.37 -12.16
C THR B 340 -17.96 -9.25 -12.24
N ASP B 341 -17.78 -10.58 -12.12
CA ASP B 341 -18.85 -11.59 -12.09
C ASP B 341 -19.47 -11.76 -13.47
N PHE B 342 -18.61 -11.79 -14.49
CA PHE B 342 -18.90 -12.36 -15.78
C PHE B 342 -17.63 -13.06 -16.23
N GLY B 343 -17.76 -14.18 -16.95
CA GLY B 343 -16.61 -14.99 -17.37
C GLY B 343 -15.90 -15.63 -16.18
N PHE B 344 -14.56 -15.72 -16.28
CA PHE B 344 -13.72 -16.47 -15.35
C PHE B 344 -13.67 -15.87 -13.95
N CYS B 345 -13.63 -14.52 -13.85
CA CYS B 345 -13.39 -13.82 -12.59
C CYS B 345 -14.60 -13.92 -11.64
N ALA B 346 -15.75 -14.44 -12.14
CA ALA B 346 -16.85 -14.95 -11.32
C ALA B 346 -16.33 -16.08 -10.44
N THR B 361 -33.02 -14.09 -3.40
CA THR B 361 -33.95 -13.04 -3.91
C THR B 361 -33.30 -12.29 -5.07
N PRO B 362 -33.94 -12.27 -6.27
CA PRO B 362 -33.35 -11.66 -7.47
C PRO B 362 -33.64 -10.18 -7.67
N TYR B 363 -33.30 -9.34 -6.68
CA TYR B 363 -33.78 -7.96 -6.59
C TYR B 363 -33.37 -7.09 -7.77
N TRP B 364 -32.27 -7.44 -8.45
CA TRP B 364 -31.73 -6.65 -9.54
C TRP B 364 -32.34 -6.94 -10.90
N MET B 365 -33.19 -7.99 -10.99
CA MET B 365 -33.64 -8.47 -12.27
C MET B 365 -34.73 -7.55 -12.84
N ALA B 366 -34.66 -7.40 -14.16
CA ALA B 366 -35.58 -6.57 -14.90
C ALA B 366 -36.91 -7.30 -15.04
N PRO B 367 -38.04 -6.56 -15.25
CA PRO B 367 -39.35 -7.18 -15.35
C PRO B 367 -39.50 -8.15 -16.53
N GLU B 368 -38.89 -7.84 -17.68
CA GLU B 368 -38.96 -8.77 -18.81
C GLU B 368 -38.27 -10.09 -18.48
N VAL B 369 -37.30 -10.11 -17.57
CA VAL B 369 -36.60 -11.35 -17.25
C VAL B 369 -37.51 -12.24 -16.42
N VAL B 370 -38.13 -11.67 -15.37
CA VAL B 370 -38.89 -12.45 -14.40
C VAL B 370 -40.20 -12.97 -15.02
N THR B 371 -40.69 -12.33 -16.11
CA THR B 371 -41.88 -12.75 -16.85
C THR B 371 -41.52 -13.66 -18.04
N ARG B 372 -40.25 -14.09 -18.14
CA ARG B 372 -39.72 -14.97 -19.18
C ARG B 372 -39.92 -14.42 -20.60
N LYS B 373 -40.20 -13.12 -20.77
CA LYS B 373 -40.13 -12.49 -22.07
C LYS B 373 -38.67 -12.49 -22.54
N ALA B 374 -38.45 -12.39 -23.87
CA ALA B 374 -37.11 -12.28 -24.42
C ALA B 374 -36.50 -10.93 -24.03
N TYR B 375 -35.23 -10.95 -23.62
CA TYR B 375 -34.56 -9.76 -23.13
C TYR B 375 -33.23 -9.51 -23.83
N GLY B 376 -32.87 -8.23 -23.95
CA GLY B 376 -31.58 -7.85 -24.51
C GLY B 376 -30.71 -7.03 -23.54
N PRO B 377 -29.76 -6.22 -24.06
CA PRO B 377 -28.85 -5.46 -23.21
C PRO B 377 -29.46 -4.57 -22.12
N LYS B 378 -30.66 -4.04 -22.34
CA LYS B 378 -31.22 -3.06 -21.44
C LYS B 378 -31.68 -3.68 -20.13
N VAL B 379 -31.36 -4.94 -19.86
CA VAL B 379 -31.67 -5.50 -18.54
C VAL B 379 -30.65 -4.97 -17.55
N ASP B 380 -29.42 -4.77 -18.05
CA ASP B 380 -28.31 -4.23 -17.27
C ASP B 380 -28.59 -2.80 -16.80
N ILE B 381 -29.26 -2.01 -17.64
CA ILE B 381 -29.66 -0.66 -17.33
C ILE B 381 -30.74 -0.62 -16.26
N TRP B 382 -31.67 -1.58 -16.27
CA TRP B 382 -32.63 -1.73 -15.19
C TRP B 382 -31.87 -1.96 -13.87
N SER B 383 -30.93 -2.91 -13.89
CA SER B 383 -30.18 -3.28 -12.70
C SER B 383 -29.37 -2.11 -12.15
N LEU B 384 -28.76 -1.33 -13.06
CA LEU B 384 -28.06 -0.10 -12.72
C LEU B 384 -29.00 0.82 -11.97
N GLY B 385 -30.26 0.91 -12.42
CA GLY B 385 -31.25 1.73 -11.77
C GLY B 385 -31.53 1.30 -10.34
N ILE B 386 -31.57 -0.02 -10.13
CA ILE B 386 -31.81 -0.57 -8.81
C ILE B 386 -30.61 -0.28 -7.90
N MET B 387 -29.39 -0.39 -8.47
CA MET B 387 -28.16 -0.07 -7.76
C MET B 387 -28.07 1.41 -7.39
N ALA B 388 -28.59 2.30 -8.24
CA ALA B 388 -28.66 3.71 -7.91
C ALA B 388 -29.65 3.95 -6.77
N ILE B 389 -30.79 3.25 -6.75
CA ILE B 389 -31.70 3.34 -5.61
C ILE B 389 -31.01 2.85 -4.34
N GLU B 390 -30.30 1.73 -4.46
CA GLU B 390 -29.56 1.18 -3.34
C GLU B 390 -28.55 2.18 -2.77
N MET B 391 -27.90 2.95 -3.65
CA MET B 391 -26.92 3.94 -3.21
C MET B 391 -27.57 5.09 -2.45
N VAL B 392 -28.87 5.40 -2.63
CA VAL B 392 -29.50 6.44 -1.84
C VAL B 392 -30.18 5.87 -0.58
N GLU B 393 -30.66 4.63 -0.63
CA GLU B 393 -31.46 4.10 0.48
C GLU B 393 -30.69 3.11 1.33
N GLY B 394 -29.63 2.49 0.78
CA GLY B 394 -28.76 1.65 1.58
C GLY B 394 -29.00 0.17 1.32
N GLU B 395 -30.17 -0.14 0.75
CA GLU B 395 -30.59 -1.49 0.38
C GLU B 395 -31.57 -1.40 -0.79
N PRO B 396 -31.68 -2.47 -1.62
CA PRO B 396 -32.61 -2.47 -2.76
C PRO B 396 -34.06 -2.75 -2.39
N PRO B 397 -35.06 -2.41 -3.24
CA PRO B 397 -36.45 -2.29 -2.80
C PRO B 397 -37.24 -3.53 -2.34
N TYR B 398 -36.72 -4.75 -2.62
CA TYR B 398 -37.42 -5.97 -2.25
C TYR B 398 -36.50 -6.92 -1.49
N LEU B 399 -35.54 -6.39 -0.72
CA LEU B 399 -34.44 -7.19 -0.22
C LEU B 399 -34.96 -8.24 0.76
N ASN B 400 -35.96 -7.87 1.60
CA ASN B 400 -36.39 -8.72 2.70
C ASN B 400 -37.76 -9.37 2.45
N GLU B 401 -38.18 -9.48 1.17
CA GLU B 401 -39.35 -10.27 0.82
C GLU B 401 -38.93 -11.74 0.62
N ASN B 402 -39.93 -12.64 0.47
CA ASN B 402 -39.69 -13.97 -0.08
C ASN B 402 -39.38 -13.86 -1.57
N PRO B 403 -38.43 -14.66 -2.13
CA PRO B 403 -38.08 -14.57 -3.56
C PRO B 403 -39.27 -14.49 -4.52
N LEU B 404 -40.28 -15.33 -4.32
CA LEU B 404 -41.40 -15.43 -5.25
C LEU B 404 -42.28 -14.18 -5.14
N ARG B 405 -42.55 -13.75 -3.89
CA ARG B 405 -43.25 -12.51 -3.59
C ARG B 405 -42.51 -11.33 -4.24
N ALA B 406 -41.17 -11.31 -4.13
CA ALA B 406 -40.35 -10.31 -4.77
C ALA B 406 -40.50 -10.35 -6.29
N LEU B 407 -40.34 -11.54 -6.89
CA LEU B 407 -40.50 -11.70 -8.34
C LEU B 407 -41.86 -11.16 -8.81
N TYR B 408 -42.92 -11.42 -8.05
CA TYR B 408 -44.27 -10.95 -8.37
C TYR B 408 -44.35 -9.43 -8.31
N LEU B 409 -43.70 -8.82 -7.30
CA LEU B 409 -43.66 -7.37 -7.17
C LEU B 409 -42.89 -6.76 -8.34
N ILE B 410 -41.80 -7.38 -8.77
CA ILE B 410 -41.03 -6.87 -9.90
C ILE B 410 -41.92 -6.85 -11.14
N ALA B 411 -42.71 -7.93 -11.34
CA ALA B 411 -43.60 -8.05 -12.49
C ALA B 411 -44.78 -7.07 -12.44
N THR B 412 -45.35 -6.80 -11.25
CA THR B 412 -46.62 -6.08 -11.13
C THR B 412 -46.48 -4.60 -10.74
N ASN B 413 -45.51 -4.25 -9.87
CA ASN B 413 -45.34 -2.87 -9.44
C ASN B 413 -44.85 -2.02 -10.61
N GLY B 414 -44.15 -2.67 -11.56
CA GLY B 414 -43.45 -1.95 -12.61
C GLY B 414 -42.28 -1.15 -12.02
N THR B 415 -42.21 0.14 -12.42
CA THR B 415 -41.12 1.04 -12.05
C THR B 415 -41.12 1.28 -10.53
N PRO B 416 -40.04 0.90 -9.79
CA PRO B 416 -39.96 1.16 -8.34
C PRO B 416 -40.07 2.63 -7.98
N GLU B 417 -40.63 2.87 -6.79
CA GLU B 417 -40.62 4.20 -6.20
C GLU B 417 -39.89 4.10 -4.86
N LEU B 418 -39.41 5.23 -4.34
CA LEU B 418 -38.51 5.21 -3.19
C LEU B 418 -39.29 4.90 -1.93
N GLN B 419 -38.66 4.13 -1.03
CA GLN B 419 -39.27 3.54 0.16
C GLN B 419 -39.78 4.62 1.12
N ASN B 420 -39.06 5.76 1.16
CA ASN B 420 -39.50 6.97 1.84
C ASN B 420 -39.33 8.13 0.88
N PRO B 421 -39.86 9.34 1.19
CA PRO B 421 -39.49 10.52 0.41
C PRO B 421 -38.01 10.82 0.54
N GLU B 422 -37.36 11.18 -0.57
CA GLU B 422 -35.95 11.60 -0.54
C GLU B 422 -35.82 12.99 -1.22
N LYS B 423 -34.79 13.73 -0.82
CA LYS B 423 -34.47 14.99 -1.47
C LYS B 423 -33.50 14.69 -2.62
N LEU B 424 -34.05 14.33 -3.77
CA LEU B 424 -33.29 14.06 -4.97
C LEU B 424 -33.42 15.26 -5.92
N SER B 425 -32.33 15.64 -6.58
CA SER B 425 -32.39 16.66 -7.61
C SER B 425 -33.22 16.11 -8.76
N PRO B 426 -33.96 16.99 -9.48
CA PRO B 426 -34.82 16.52 -10.57
C PRO B 426 -34.08 15.65 -11.58
N ILE B 427 -32.84 16.06 -11.90
CA ILE B 427 -32.09 15.47 -12.99
C ILE B 427 -31.67 14.05 -12.59
N PHE B 428 -31.56 13.75 -11.28
CA PHE B 428 -31.23 12.41 -10.82
C PHE B 428 -32.44 11.49 -10.93
N ARG B 429 -33.62 11.98 -10.50
CA ARG B 429 -34.87 11.25 -10.60
C ARG B 429 -35.15 10.90 -12.08
N ASP B 430 -34.89 11.87 -12.97
CA ASP B 430 -35.00 11.63 -14.40
C ASP B 430 -34.07 10.49 -14.80
N PHE B 431 -32.82 10.49 -14.30
CA PHE B 431 -31.86 9.43 -14.61
C PHE B 431 -32.43 8.07 -14.15
N LEU B 432 -32.97 8.03 -12.93
CA LEU B 432 -33.59 6.83 -12.39
C LEU B 432 -34.78 6.41 -13.24
N ASN B 433 -35.61 7.39 -13.62
CA ASN B 433 -36.80 7.14 -14.41
C ASN B 433 -36.42 6.50 -15.75
N ARG B 434 -35.35 6.97 -16.42
CA ARG B 434 -34.93 6.45 -17.70
C ARG B 434 -34.22 5.10 -17.58
N CYS B 435 -33.64 4.81 -16.40
CA CYS B 435 -33.06 3.51 -16.13
C CYS B 435 -34.17 2.50 -15.86
N LEU B 436 -35.22 2.92 -15.12
CA LEU B 436 -36.20 2.01 -14.57
C LEU B 436 -37.52 2.09 -15.35
N GLU B 437 -37.41 2.39 -16.65
CA GLU B 437 -38.55 2.58 -17.52
C GLU B 437 -39.10 1.21 -17.90
N MET B 438 -40.44 1.04 -17.83
CA MET B 438 -41.08 -0.25 -18.02
C MET B 438 -41.11 -0.65 -19.50
N ASP B 439 -41.25 0.33 -20.39
CA ASP B 439 -41.17 0.08 -21.81
C ASP B 439 -39.69 -0.02 -22.21
N VAL B 440 -39.28 -1.22 -22.64
CA VAL B 440 -37.91 -1.50 -23.03
C VAL B 440 -37.46 -0.61 -24.20
N GLU B 441 -38.39 -0.12 -25.03
CA GLU B 441 -38.00 0.72 -26.14
C GLU B 441 -37.60 2.09 -25.61
N LYS B 442 -38.27 2.50 -24.52
CA LYS B 442 -38.21 3.85 -24.00
C LYS B 442 -37.08 3.95 -22.94
N ARG B 443 -36.76 2.83 -22.29
CA ARG B 443 -35.61 2.70 -21.40
C ARG B 443 -34.31 2.97 -22.15
N GLY B 444 -33.39 3.68 -21.47
CA GLY B 444 -32.17 4.16 -22.12
C GLY B 444 -31.19 3.04 -22.41
N SER B 445 -30.38 3.23 -23.46
CA SER B 445 -29.21 2.39 -23.67
C SER B 445 -28.03 2.96 -22.87
N ALA B 446 -26.97 2.14 -22.70
CA ALA B 446 -25.78 2.61 -22.03
C ALA B 446 -25.20 3.82 -22.77
N LYS B 447 -25.18 3.76 -24.10
CA LYS B 447 -24.61 4.83 -24.90
C LYS B 447 -25.35 6.15 -24.68
N GLU B 448 -26.68 6.09 -24.59
CA GLU B 448 -27.51 7.28 -24.35
C GLU B 448 -27.34 7.81 -22.93
N LEU B 449 -27.35 6.92 -21.93
CA LEU B 449 -27.27 7.32 -20.55
C LEU B 449 -25.88 7.92 -20.18
N LEU B 450 -24.81 7.59 -20.93
CA LEU B 450 -23.55 8.29 -20.80
C LEU B 450 -23.65 9.78 -21.13
N GLN B 451 -24.68 10.17 -21.88
CA GLN B 451 -24.81 11.58 -22.26
C GLN B 451 -25.82 12.26 -21.35
N HIS B 452 -26.40 11.53 -20.39
CA HIS B 452 -27.44 12.06 -19.53
C HIS B 452 -26.85 13.15 -18.63
N PRO B 453 -27.55 14.28 -18.45
CA PRO B 453 -27.03 15.36 -17.63
C PRO B 453 -26.69 15.02 -16.19
N PHE B 454 -27.35 14.02 -15.63
CA PHE B 454 -27.04 13.67 -14.26
C PHE B 454 -25.53 13.42 -14.05
N LEU B 455 -24.83 12.83 -15.03
CA LEU B 455 -23.46 12.43 -14.81
C LEU B 455 -22.54 13.66 -14.77
N LYS B 456 -23.00 14.83 -15.25
CA LYS B 456 -22.24 16.07 -15.16
C LYS B 456 -22.15 16.53 -13.70
N LEU B 457 -23.00 16.00 -12.79
CA LEU B 457 -22.90 16.28 -11.36
C LEU B 457 -21.70 15.60 -10.70
N ALA B 458 -20.93 14.76 -11.41
CA ALA B 458 -19.98 13.86 -10.76
C ALA B 458 -18.87 14.59 -10.05
N LYS B 459 -18.53 14.11 -8.85
CA LYS B 459 -17.28 14.47 -8.21
C LYS B 459 -16.16 13.60 -8.77
N PRO B 460 -14.88 14.00 -8.65
CA PRO B 460 -13.80 13.06 -8.90
C PRO B 460 -14.01 11.78 -8.10
N LEU B 461 -13.51 10.69 -8.68
CA LEU B 461 -13.62 9.39 -8.05
C LEU B 461 -12.89 9.36 -6.70
N SER B 462 -11.84 10.17 -6.54
CA SER B 462 -11.10 10.26 -5.28
C SER B 462 -11.98 10.78 -4.13
N SER B 463 -13.13 11.37 -4.41
CA SER B 463 -14.01 11.76 -3.32
C SER B 463 -14.55 10.53 -2.61
N LEU B 464 -14.50 9.34 -3.22
CA LEU B 464 -14.97 8.11 -2.62
C LEU B 464 -14.01 7.57 -1.56
N THR B 465 -12.76 8.03 -1.59
CA THR B 465 -11.70 7.43 -0.79
C THR B 465 -12.05 7.38 0.71
N PRO B 466 -12.50 8.43 1.36
CA PRO B 466 -12.90 8.28 2.75
C PRO B 466 -13.97 7.23 3.04
N LEU B 467 -14.92 7.04 2.13
CA LEU B 467 -15.99 6.06 2.29
C LEU B 467 -15.40 4.65 2.17
N ILE B 468 -14.53 4.45 1.19
CA ILE B 468 -13.92 3.17 0.90
C ILE B 468 -13.04 2.76 2.07
N MET B 469 -12.30 3.70 2.65
CA MET B 469 -11.47 3.44 3.82
C MET B 469 -12.33 3.11 5.03
N ALA B 470 -13.39 3.87 5.26
CA ALA B 470 -14.28 3.65 6.37
C ALA B 470 -14.92 2.26 6.27
N ALA B 471 -15.40 1.89 5.09
CA ALA B 471 -16.10 0.63 4.87
C ALA B 471 -15.13 -0.56 4.99
N LYS B 472 -13.94 -0.44 4.39
CA LYS B 472 -12.94 -1.48 4.47
C LYS B 472 -12.54 -1.76 5.92
N GLU B 473 -12.32 -0.72 6.74
CA GLU B 473 -11.90 -0.87 8.12
C GLU B 473 -13.04 -1.54 8.92
N ALA B 474 -14.30 -1.23 8.56
CA ALA B 474 -15.46 -1.82 9.21
C ALA B 474 -15.63 -3.30 8.86
N MET B 475 -15.41 -3.71 7.61
CA MET B 475 -15.59 -5.09 7.19
C MET B 475 -14.53 -6.01 7.78
N LYS B 476 -13.44 -5.49 8.36
CA LYS B 476 -12.47 -6.34 9.06
C LYS B 476 -13.03 -6.86 10.38
N SER B 477 -14.05 -6.16 10.94
CA SER B 477 -14.82 -6.61 12.08
C SER B 477 -16.10 -7.36 11.62
S SO4 C . 1.27 1.40 10.37
O1 SO4 C . 2.18 0.47 10.94
O2 SO4 C . -0.02 0.81 10.12
O3 SO4 C . 1.83 1.84 9.15
O4 SO4 C . 1.08 2.48 11.29
S SO4 D . 0.41 4.55 13.43
O1 SO4 D . -0.74 3.81 12.98
O2 SO4 D . 0.77 5.51 12.44
O3 SO4 D . 0.11 5.24 14.67
O4 SO4 D . 1.50 3.63 13.62
S SO4 E . 21.34 14.18 25.23
O1 SO4 E . 21.75 14.36 23.86
O2 SO4 E . 22.33 14.80 26.11
O3 SO4 E . 20.06 14.78 25.49
O4 SO4 E . 21.24 12.82 25.56
S SO4 F . -19.43 18.59 0.10
O1 SO4 F . -19.88 17.67 1.09
O2 SO4 F . -20.13 18.33 -1.14
O3 SO4 F . -19.72 19.94 0.52
O4 SO4 F . -18.01 18.45 -0.12
S SO4 G . -7.00 2.43 -7.38
O1 SO4 G . -6.00 3.31 -7.91
O2 SO4 G . -8.28 3.11 -7.28
O3 SO4 G . -7.10 1.28 -8.23
O4 SO4 G . -6.59 1.96 -6.07
S SO4 H . -39.97 11.44 -3.07
O1 SO4 H . -40.32 10.49 -4.11
O2 SO4 H . -40.88 11.30 -1.98
O3 SO4 H . -40.05 12.82 -3.55
O4 SO4 H . -38.64 11.18 -2.60
S SO4 I . -11.87 -31.78 -19.95
O1 SO4 I . -11.15 -30.61 -20.40
O2 SO4 I . -12.90 -32.04 -20.91
O3 SO4 I . -10.97 -32.91 -19.86
O4 SO4 I . -12.44 -31.55 -18.63
#